data_4TNO
# 
_entry.id   4TNO 
# 
_audit_conform.dict_name       mmcif_pdbx.dic 
_audit_conform.dict_version    5.383 
_audit_conform.dict_location   http://mmcif.pdb.org/dictionaries/ascii/mmcif_pdbx.dic 
# 
loop_
_database_2.database_id 
_database_2.database_code 
_database_2.pdbx_database_accession 
_database_2.pdbx_DOI 
PDB   4TNO         pdb_00004tno 10.2210/pdb4tno/pdb 
WWPDB D_1000201938 ?            ?                   
# 
loop_
_pdbx_audit_revision_history.ordinal 
_pdbx_audit_revision_history.data_content_type 
_pdbx_audit_revision_history.major_revision 
_pdbx_audit_revision_history.minor_revision 
_pdbx_audit_revision_history.revision_date 
1 'Structure model' 1 0 2014-12-10 
2 'Structure model' 1 1 2015-01-14 
3 'Structure model' 1 2 2015-02-11 
4 'Structure model' 1 3 2015-08-12 
5 'Structure model' 1 4 2017-11-22 
6 'Structure model' 1 5 2023-12-27 
# 
_pdbx_audit_revision_details.ordinal             1 
_pdbx_audit_revision_details.revision_ordinal    1 
_pdbx_audit_revision_details.data_content_type   'Structure model' 
_pdbx_audit_revision_details.provider            repository 
_pdbx_audit_revision_details.type                'Initial release' 
_pdbx_audit_revision_details.description         ? 
_pdbx_audit_revision_details.details             ? 
# 
loop_
_pdbx_audit_revision_group.ordinal 
_pdbx_audit_revision_group.revision_ordinal 
_pdbx_audit_revision_group.data_content_type 
_pdbx_audit_revision_group.group 
1 2 'Structure model' 'Database references'    
2 3 'Structure model' 'Database references'    
3 4 'Structure model' 'Database references'    
4 5 'Structure model' 'Derived calculations'   
5 5 'Structure model' 'Refinement description' 
6 6 'Structure model' 'Data collection'        
7 6 'Structure model' 'Database references'    
# 
loop_
_pdbx_audit_revision_category.ordinal 
_pdbx_audit_revision_category.revision_ordinal 
_pdbx_audit_revision_category.data_content_type 
_pdbx_audit_revision_category.category 
1 5 'Structure model' pdbx_struct_oper_list 
2 5 'Structure model' software              
3 6 'Structure model' chem_comp_atom        
4 6 'Structure model' chem_comp_bond        
5 6 'Structure model' database_2            
# 
loop_
_pdbx_audit_revision_item.ordinal 
_pdbx_audit_revision_item.revision_ordinal 
_pdbx_audit_revision_item.data_content_type 
_pdbx_audit_revision_item.item 
1 5 'Structure model' '_pdbx_struct_oper_list.symmetry_operation' 
2 6 'Structure model' '_database_2.pdbx_DOI'                      
3 6 'Structure model' '_database_2.pdbx_database_accession'       
# 
_pdbx_database_status.status_code                     REL 
_pdbx_database_status.status_code_sf                  REL 
_pdbx_database_status.status_code_mr                  ? 
_pdbx_database_status.entry_id                        4TNO 
_pdbx_database_status.recvd_initial_deposition_date   2014-06-04 
_pdbx_database_status.SG_entry                        N 
_pdbx_database_status.deposit_site                    RCSB 
_pdbx_database_status.process_site                    RCSB 
_pdbx_database_status.status_code_cs                  ? 
_pdbx_database_status.methods_development_category    ? 
_pdbx_database_status.pdb_format_compatible           Y 
_pdbx_database_status.status_code_nmr_data            ? 
# 
_pdbx_database_related.db_name        PDB 
_pdbx_database_related.details        
'PDB entry 2I0X was solved by Se-SAD. This entry was solved by S-SAD using data collected at the Swiss Light Source' 
_pdbx_database_related.db_id          2I0X 
_pdbx_database_related.content_type   unspecified 
# 
loop_
_audit_author.name 
_audit_author.pdbx_ordinal 
'Weinert, T.'                                             1 
'Waltersperger, S.'                                       2 
'Olieric, V.'                                             3 
'Panepucci, E.'                                           4 
'Chen, L.'                                                5 
'Rose, J.P.'                                              6 
'Wang, M.'                                                7 
'Wang, B.C.'                                              8 
'Southeast Collaboratory for Structural Genomics (SECSG)' 9 
# 
_citation.abstract                  ? 
_citation.abstract_id_CAS           ? 
_citation.book_id_ISBN              ? 
_citation.book_publisher            ? 
_citation.book_publisher_city       ? 
_citation.book_title                ? 
_citation.coordinate_linkage        ? 
_citation.country                   US 
_citation.database_id_Medline       ? 
_citation.details                   ? 
_citation.id                        primary 
_citation.journal_abbrev            Nat.Methods 
_citation.journal_id_ASTM           ? 
_citation.journal_id_CSD            ? 
_citation.journal_id_ISSN           1548-7105 
_citation.journal_full              ? 
_citation.journal_issue             ? 
_citation.journal_volume            12 
_citation.language                  ? 
_citation.page_first                131 
_citation.page_last                 133 
_citation.title                     'Fast native-SAD phasing for routine macromolecular structure determination.' 
_citation.year                      2015 
_citation.database_id_CSD           ? 
_citation.pdbx_database_id_DOI      10.1038/nmeth.3211 
_citation.pdbx_database_id_PubMed   25506719 
_citation.unpublished_flag          ? 
# 
loop_
_citation_author.citation_id 
_citation_author.name 
_citation_author.ordinal 
_citation_author.identifier_ORCID 
primary 'Weinert, T.'       1  ? 
primary 'Olieric, V.'       2  ? 
primary 'Waltersperger, S.' 3  ? 
primary 'Panepucci, E.'     4  ? 
primary 'Chen, L.'          5  ? 
primary 'Zhang, H.'         6  ? 
primary 'Zhou, D.'          7  ? 
primary 'Rose, J.'          8  ? 
primary 'Ebihara, A.'       9  ? 
primary 'Kuramitsu, S.'     10 ? 
primary 'Li, D.'            11 ? 
primary 'Howe, N.'          12 ? 
primary 'Schnapp, G.'       13 ? 
primary 'Pautsch, A.'       14 ? 
primary 'Bargsten, K.'      15 ? 
primary 'Prota, A.E.'       16 ? 
primary 'Surana, P.'        17 ? 
primary 'Kottur, J.'        18 ? 
primary 'Nair, D.T.'        19 ? 
primary 'Basilico, F.'      20 ? 
primary 'Cecatiello, V.'    21 ? 
primary 'Pasqualato, S.'    22 ? 
primary 'Boland, A.'        23 ? 
primary 'Weichenrieder, O.' 24 ? 
primary 'Wang, B.C.'        25 ? 
primary 'Steinmetz, M.O.'   26 ? 
primary 'Caffrey, M.'       27 ? 
primary 'Wang, M.'          28 ? 
# 
loop_
_entity.id 
_entity.type 
_entity.src_method 
_entity.pdbx_description 
_entity.formula_weight 
_entity.pdbx_number_of_molecules 
_entity.pdbx_ec 
_entity.pdbx_mutation 
_entity.pdbx_fragment 
_entity.details 
1 polymer     man 'CRISPR-associated endoribonuclease Cas2' 9992.677 1 3.1.-.- ? ? ? 
2 non-polymer syn 'CHLORIDE ION'                            35.453   2 ?       ? ? ? 
3 water       nat water                                     18.015   9 ?       ? ? ? 
# 
_entity_poly.entity_id                      1 
_entity_poly.type                           'polypeptide(L)' 
_entity_poly.nstd_linkage                   no 
_entity_poly.nstd_monomer                   no 
_entity_poly.pdbx_seq_one_letter_code       
;MYIVVVYDVGVERVNKVKKFLRMHLNWVQNSVFEGEVTLAEFERIKEGLKKIIDENSDSVIIYKLRSMPPRETLGIEKNP
IEEII
;
_entity_poly.pdbx_seq_one_letter_code_can   
;MYIVVVYDVGVERVNKVKKFLRMHLNWVQNSVFEGEVTLAEFERIKEGLKKIIDENSDSVIIYKLRSMPPRETLGIEKNP
IEEII
;
_entity_poly.pdbx_strand_id                 A 
_entity_poly.pdbx_target_identifier         ? 
# 
loop_
_pdbx_entity_nonpoly.entity_id 
_pdbx_entity_nonpoly.name 
_pdbx_entity_nonpoly.comp_id 
2 'CHLORIDE ION' CL  
3 water          HOH 
# 
loop_
_entity_poly_seq.entity_id 
_entity_poly_seq.num 
_entity_poly_seq.mon_id 
_entity_poly_seq.hetero 
1 1  MET n 
1 2  TYR n 
1 3  ILE n 
1 4  VAL n 
1 5  VAL n 
1 6  VAL n 
1 7  TYR n 
1 8  ASP n 
1 9  VAL n 
1 10 GLY n 
1 11 VAL n 
1 12 GLU n 
1 13 ARG n 
1 14 VAL n 
1 15 ASN n 
1 16 LYS n 
1 17 VAL n 
1 18 LYS n 
1 19 LYS n 
1 20 PHE n 
1 21 LEU n 
1 22 ARG n 
1 23 MET n 
1 24 HIS n 
1 25 LEU n 
1 26 ASN n 
1 27 TRP n 
1 28 VAL n 
1 29 GLN n 
1 30 ASN n 
1 31 SER n 
1 32 VAL n 
1 33 PHE n 
1 34 GLU n 
1 35 GLY n 
1 36 GLU n 
1 37 VAL n 
1 38 THR n 
1 39 LEU n 
1 40 ALA n 
1 41 GLU n 
1 42 PHE n 
1 43 GLU n 
1 44 ARG n 
1 45 ILE n 
1 46 LYS n 
1 47 GLU n 
1 48 GLY n 
1 49 LEU n 
1 50 LYS n 
1 51 LYS n 
1 52 ILE n 
1 53 ILE n 
1 54 ASP n 
1 55 GLU n 
1 56 ASN n 
1 57 SER n 
1 58 ASP n 
1 59 SER n 
1 60 VAL n 
1 61 ILE n 
1 62 ILE n 
1 63 TYR n 
1 64 LYS n 
1 65 LEU n 
1 66 ARG n 
1 67 SER n 
1 68 MET n 
1 69 PRO n 
1 70 PRO n 
1 71 ARG n 
1 72 GLU n 
1 73 THR n 
1 74 LEU n 
1 75 GLY n 
1 76 ILE n 
1 77 GLU n 
1 78 LYS n 
1 79 ASN n 
1 80 PRO n 
1 81 ILE n 
1 82 GLU n 
1 83 GLU n 
1 84 ILE n 
1 85 ILE n 
# 
_entity_src_gen.entity_id                          1 
_entity_src_gen.pdbx_src_id                        1 
_entity_src_gen.pdbx_alt_source_flag               sample 
_entity_src_gen.pdbx_seq_type                      'Biological sequence' 
_entity_src_gen.pdbx_beg_seq_num                   1 
_entity_src_gen.pdbx_end_seq_num                   85 
_entity_src_gen.gene_src_common_name               ? 
_entity_src_gen.gene_src_genus                     ? 
_entity_src_gen.pdbx_gene_src_gene                 'cas2, PF1117' 
_entity_src_gen.gene_src_species                   ? 
_entity_src_gen.gene_src_strain                    'ATCC 43587 / DSM 3638 / JCM 8422 / Vc1' 
_entity_src_gen.gene_src_tissue                    ? 
_entity_src_gen.gene_src_tissue_fraction           ? 
_entity_src_gen.gene_src_details                   ? 
_entity_src_gen.pdbx_gene_src_fragment             ? 
_entity_src_gen.pdbx_gene_src_scientific_name      'Pyrococcus furiosus' 
_entity_src_gen.pdbx_gene_src_ncbi_taxonomy_id     186497 
_entity_src_gen.pdbx_gene_src_variant              ? 
_entity_src_gen.pdbx_gene_src_cell_line            ? 
_entity_src_gen.pdbx_gene_src_atcc                 ? 
_entity_src_gen.pdbx_gene_src_organ                ? 
_entity_src_gen.pdbx_gene_src_organelle            ? 
_entity_src_gen.pdbx_gene_src_cell                 ? 
_entity_src_gen.pdbx_gene_src_cellular_location    ? 
_entity_src_gen.host_org_common_name               ? 
_entity_src_gen.pdbx_host_org_scientific_name      'ESCHERICHIA COLI' 
_entity_src_gen.pdbx_host_org_ncbi_taxonomy_id     469008 
_entity_src_gen.host_org_genus                     ? 
_entity_src_gen.pdbx_host_org_gene                 ? 
_entity_src_gen.pdbx_host_org_organ                ? 
_entity_src_gen.host_org_species                   ? 
_entity_src_gen.pdbx_host_org_tissue               ? 
_entity_src_gen.pdbx_host_org_tissue_fraction      ? 
_entity_src_gen.pdbx_host_org_strain               'BL21(DE3)' 
_entity_src_gen.pdbx_host_org_variant              ? 
_entity_src_gen.pdbx_host_org_cell_line            ? 
_entity_src_gen.pdbx_host_org_atcc                 ? 
_entity_src_gen.pdbx_host_org_culture_collection   ? 
_entity_src_gen.pdbx_host_org_cell                 ? 
_entity_src_gen.pdbx_host_org_organelle            ? 
_entity_src_gen.pdbx_host_org_cellular_location    ? 
_entity_src_gen.pdbx_host_org_vector_type          ? 
_entity_src_gen.pdbx_host_org_vector               ? 
_entity_src_gen.host_org_details                   ? 
_entity_src_gen.expression_system_id               ? 
_entity_src_gen.plasmid_name                       ? 
_entity_src_gen.plasmid_details                    ? 
_entity_src_gen.pdbx_description                   ? 
# 
loop_
_chem_comp.id 
_chem_comp.type 
_chem_comp.mon_nstd_flag 
_chem_comp.name 
_chem_comp.pdbx_synonyms 
_chem_comp.formula 
_chem_comp.formula_weight 
ALA 'L-peptide linking' y ALANINE         ? 'C3 H7 N O2'     89.093  
ARG 'L-peptide linking' y ARGININE        ? 'C6 H15 N4 O2 1' 175.209 
ASN 'L-peptide linking' y ASPARAGINE      ? 'C4 H8 N2 O3'    132.118 
ASP 'L-peptide linking' y 'ASPARTIC ACID' ? 'C4 H7 N O4'     133.103 
CL  non-polymer         . 'CHLORIDE ION'  ? 'Cl -1'          35.453  
GLN 'L-peptide linking' y GLUTAMINE       ? 'C5 H10 N2 O3'   146.144 
GLU 'L-peptide linking' y 'GLUTAMIC ACID' ? 'C5 H9 N O4'     147.129 
GLY 'peptide linking'   y GLYCINE         ? 'C2 H5 N O2'     75.067  
HIS 'L-peptide linking' y HISTIDINE       ? 'C6 H10 N3 O2 1' 156.162 
HOH non-polymer         . WATER           ? 'H2 O'           18.015  
ILE 'L-peptide linking' y ISOLEUCINE      ? 'C6 H13 N O2'    131.173 
LEU 'L-peptide linking' y LEUCINE         ? 'C6 H13 N O2'    131.173 
LYS 'L-peptide linking' y LYSINE          ? 'C6 H15 N2 O2 1' 147.195 
MET 'L-peptide linking' y METHIONINE      ? 'C5 H11 N O2 S'  149.211 
PHE 'L-peptide linking' y PHENYLALANINE   ? 'C9 H11 N O2'    165.189 
PRO 'L-peptide linking' y PROLINE         ? 'C5 H9 N O2'     115.130 
SER 'L-peptide linking' y SERINE          ? 'C3 H7 N O3'     105.093 
THR 'L-peptide linking' y THREONINE       ? 'C4 H9 N O3'     119.119 
TRP 'L-peptide linking' y TRYPTOPHAN      ? 'C11 H12 N2 O2'  204.225 
TYR 'L-peptide linking' y TYROSINE        ? 'C9 H11 N O3'    181.189 
VAL 'L-peptide linking' y VALINE          ? 'C5 H11 N O2'    117.146 
# 
loop_
_pdbx_poly_seq_scheme.asym_id 
_pdbx_poly_seq_scheme.entity_id 
_pdbx_poly_seq_scheme.seq_id 
_pdbx_poly_seq_scheme.mon_id 
_pdbx_poly_seq_scheme.ndb_seq_num 
_pdbx_poly_seq_scheme.pdb_seq_num 
_pdbx_poly_seq_scheme.auth_seq_num 
_pdbx_poly_seq_scheme.pdb_mon_id 
_pdbx_poly_seq_scheme.auth_mon_id 
_pdbx_poly_seq_scheme.pdb_strand_id 
_pdbx_poly_seq_scheme.pdb_ins_code 
_pdbx_poly_seq_scheme.hetero 
A 1 1  MET 1  1  1  MET MET A . n 
A 1 2  TYR 2  2  2  TYR TYR A . n 
A 1 3  ILE 3  3  3  ILE ILE A . n 
A 1 4  VAL 4  4  4  VAL VAL A . n 
A 1 5  VAL 5  5  5  VAL VAL A . n 
A 1 6  VAL 6  6  6  VAL VAL A . n 
A 1 7  TYR 7  7  7  TYR TYR A . n 
A 1 8  ASP 8  8  8  ASP ASP A . n 
A 1 9  VAL 9  9  9  VAL VAL A . n 
A 1 10 GLY 10 10 10 GLY GLY A . n 
A 1 11 VAL 11 11 11 VAL VAL A . n 
A 1 12 GLU 12 12 12 GLU GLU A . n 
A 1 13 ARG 13 13 13 ARG ARG A . n 
A 1 14 VAL 14 14 14 VAL VAL A . n 
A 1 15 ASN 15 15 15 ASN ASN A . n 
A 1 16 LYS 16 16 16 LYS LYS A . n 
A 1 17 VAL 17 17 17 VAL VAL A . n 
A 1 18 LYS 18 18 18 LYS LYS A . n 
A 1 19 LYS 19 19 19 LYS LYS A . n 
A 1 20 PHE 20 20 20 PHE PHE A . n 
A 1 21 LEU 21 21 21 LEU LEU A . n 
A 1 22 ARG 22 22 22 ARG ARG A . n 
A 1 23 MET 23 23 23 MET MET A . n 
A 1 24 HIS 24 24 24 HIS HIS A . n 
A 1 25 LEU 25 25 25 LEU LEU A . n 
A 1 26 ASN 26 26 26 ASN ASN A . n 
A 1 27 TRP 27 27 27 TRP TRP A . n 
A 1 28 VAL 28 28 28 VAL VAL A . n 
A 1 29 GLN 29 29 29 GLN GLN A . n 
A 1 30 ASN 30 30 30 ASN ASN A . n 
A 1 31 SER 31 31 31 SER SER A . n 
A 1 32 VAL 32 32 32 VAL VAL A . n 
A 1 33 PHE 33 33 33 PHE PHE A . n 
A 1 34 GLU 34 34 34 GLU GLU A . n 
A 1 35 GLY 35 35 35 GLY GLY A . n 
A 1 36 GLU 36 36 36 GLU GLU A . n 
A 1 37 VAL 37 37 37 VAL VAL A . n 
A 1 38 THR 38 38 38 THR THR A . n 
A 1 39 LEU 39 39 39 LEU LEU A . n 
A 1 40 ALA 40 40 40 ALA ALA A . n 
A 1 41 GLU 41 41 41 GLU GLU A . n 
A 1 42 PHE 42 42 42 PHE PHE A . n 
A 1 43 GLU 43 43 43 GLU GLU A . n 
A 1 44 ARG 44 44 44 ARG ARG A . n 
A 1 45 ILE 45 45 45 ILE ILE A . n 
A 1 46 LYS 46 46 46 LYS LYS A . n 
A 1 47 GLU 47 47 47 GLU GLU A . n 
A 1 48 GLY 48 48 48 GLY GLY A . n 
A 1 49 LEU 49 49 49 LEU LEU A . n 
A 1 50 LYS 50 50 50 LYS LYS A . n 
A 1 51 LYS 51 51 51 LYS LYS A . n 
A 1 52 ILE 52 52 52 ILE ILE A . n 
A 1 53 ILE 53 53 53 ILE ILE A . n 
A 1 54 ASP 54 54 54 ASP ASP A . n 
A 1 55 GLU 55 55 55 GLU GLU A . n 
A 1 56 ASN 56 56 56 ASN ASN A . n 
A 1 57 SER 57 57 57 SER SER A . n 
A 1 58 ASP 58 58 58 ASP ASP A . n 
A 1 59 SER 59 59 59 SER SER A . n 
A 1 60 VAL 60 60 60 VAL VAL A . n 
A 1 61 ILE 61 61 61 ILE ILE A . n 
A 1 62 ILE 62 62 62 ILE ILE A . n 
A 1 63 TYR 63 63 63 TYR TYR A . n 
A 1 64 LYS 64 64 64 LYS LYS A . n 
A 1 65 LEU 65 65 65 LEU LEU A . n 
A 1 66 ARG 66 66 66 ARG ARG A . n 
A 1 67 SER 67 67 67 SER SER A . n 
A 1 68 MET 68 68 68 MET MET A . n 
A 1 69 PRO 69 69 69 PRO PRO A . n 
A 1 70 PRO 70 70 70 PRO PRO A . n 
A 1 71 ARG 71 71 71 ARG ARG A . n 
A 1 72 GLU 72 72 72 GLU GLU A . n 
A 1 73 THR 73 73 73 THR THR A . n 
A 1 74 LEU 74 74 74 LEU LEU A . n 
A 1 75 GLY 75 75 75 GLY GLY A . n 
A 1 76 ILE 76 76 76 ILE ILE A . n 
A 1 77 GLU 77 77 77 GLU GLU A . n 
A 1 78 LYS 78 78 78 LYS LYS A . n 
A 1 79 ASN 79 79 79 ASN ASN A . n 
A 1 80 PRO 80 80 80 PRO PRO A . n 
A 1 81 ILE 81 81 81 ILE ILE A . n 
A 1 82 GLU 82 82 82 GLU GLU A . n 
A 1 83 GLU 83 83 83 GLU GLU A . n 
A 1 84 ILE 84 84 84 ILE ILE A . n 
A 1 85 ILE 85 85 ?  ?   ?   A . n 
# 
loop_
_pdbx_nonpoly_scheme.asym_id 
_pdbx_nonpoly_scheme.entity_id 
_pdbx_nonpoly_scheme.mon_id 
_pdbx_nonpoly_scheme.ndb_seq_num 
_pdbx_nonpoly_scheme.pdb_seq_num 
_pdbx_nonpoly_scheme.auth_seq_num 
_pdbx_nonpoly_scheme.pdb_mon_id 
_pdbx_nonpoly_scheme.auth_mon_id 
_pdbx_nonpoly_scheme.pdb_strand_id 
_pdbx_nonpoly_scheme.pdb_ins_code 
B 2 CL  1 101 101 CL  CL  A . 
C 2 CL  1 102 102 CL  CL  A . 
D 3 HOH 1 201 8   HOH HOH A . 
D 3 HOH 2 202 7   HOH HOH A . 
D 3 HOH 3 203 4   HOH HOH A . 
D 3 HOH 4 204 5   HOH HOH A . 
D 3 HOH 5 205 1   HOH HOH A . 
D 3 HOH 6 206 2   HOH HOH A . 
D 3 HOH 7 207 3   HOH HOH A . 
D 3 HOH 8 208 6   HOH HOH A . 
D 3 HOH 9 209 9   HOH HOH A . 
# 
loop_
_software.citation_id 
_software.classification 
_software.compiler_name 
_software.compiler_version 
_software.contact_author 
_software.contact_author_email 
_software.date 
_software.description 
_software.dependencies 
_software.hardware 
_software.language 
_software.location 
_software.mods 
_software.name 
_software.os 
_software.os_version 
_software.type 
_software.version 
_software.pdbx_ordinal 
? 'data reduction' ? ? ? ? ? ? ? ? ? ? ? XDS     ? ? ? .                           1 
? phasing          ? ? ? ? ? ? ? ? ? ? ? SHELXDE ? ? ? .                           2 
? 'model building' ? ? ? ? ? ? ? ? ? ? ? Coot    ? ? ? 'FOLLOWED BY PHENIX'        3 
? refinement       ? ? ? ? ? ? ? ? ? ? ? PHENIX  ? ? ? '(phenix.refine: 1.9_1692)' 4 
? phasing          ? ? ? ? ? ? ? ? ? ? ? SHELXCD ? ? ? .                           5 
? phasing          ? ? ? ? ? ? ? ? ? ? ? SHELXD  ? ? ? .                           6 
? 'model building' ? ? ? ? ? ? ? ? ? ? ? SHELXE  ? ? ? 'FOLLOWED BY PHENIX'        7 
? 'data scaling'   ? ? ? ? ? ? ? ? ? ? ? XSCALE  ? ? ? .                           8 
# 
_cell.entry_id           4TNO 
_cell.length_a           47.210 
_cell.length_b           47.210 
_cell.length_c           82.280 
_cell.angle_alpha        90.00 
_cell.angle_beta         90.00 
_cell.angle_gamma        90.00 
_cell.Z_PDB              8 
_cell.pdbx_unique_axis   ? 
# 
_symmetry.entry_id                         4TNO 
_symmetry.cell_setting                     ? 
_symmetry.Int_Tables_number                92 
_symmetry.space_group_name_Hall            ? 
_symmetry.space_group_name_H-M             'P 41 21 2' 
_symmetry.pdbx_full_space_group_name_H-M   ? 
# 
_exptl.absorpt_coefficient_mu     ? 
_exptl.absorpt_correction_T_max   ? 
_exptl.absorpt_correction_T_min   ? 
_exptl.absorpt_correction_type    ? 
_exptl.absorpt_process_details    ? 
_exptl.entry_id                   4TNO 
_exptl.crystals_number            1 
_exptl.details                    ? 
_exptl.method                     'X-RAY DIFFRACTION' 
_exptl.method_details             ? 
# 
_exptl_crystal.colour                      ? 
_exptl_crystal.density_diffrn              ? 
_exptl_crystal.density_Matthews            2.45 
_exptl_crystal.density_method              ? 
_exptl_crystal.density_percent_sol         49.77 
_exptl_crystal.description                 ? 
_exptl_crystal.F_000                       ? 
_exptl_crystal.id                          1 
_exptl_crystal.preparation                 ? 
_exptl_crystal.size_max                    ? 
_exptl_crystal.size_mid                    ? 
_exptl_crystal.size_min                    ? 
_exptl_crystal.size_rad                    ? 
_exptl_crystal.colour_lustre               ? 
_exptl_crystal.colour_modifier             ? 
_exptl_crystal.colour_primary              ? 
_exptl_crystal.density_meas                ? 
_exptl_crystal.density_meas_esd            ? 
_exptl_crystal.density_meas_gt             ? 
_exptl_crystal.density_meas_lt             ? 
_exptl_crystal.density_meas_temp           ? 
_exptl_crystal.density_meas_temp_esd       ? 
_exptl_crystal.density_meas_temp_gt        ? 
_exptl_crystal.density_meas_temp_lt        ? 
_exptl_crystal.pdbx_crystal_image_url      ? 
_exptl_crystal.pdbx_crystal_image_format   ? 
_exptl_crystal.pdbx_mosaicity              ? 
_exptl_crystal.pdbx_mosaicity_esd          ? 
# 
_exptl_crystal_grow.apparatus       ? 
_exptl_crystal_grow.atmosphere      ? 
_exptl_crystal_grow.crystal_id      1 
_exptl_crystal_grow.details         ? 
_exptl_crystal_grow.method          'VAPOR DIFFUSION, HANGING DROP' 
_exptl_crystal_grow.method_ref      ? 
_exptl_crystal_grow.pH              7.3 
_exptl_crystal_grow.pressure        ? 
_exptl_crystal_grow.pressure_esd    ? 
_exptl_crystal_grow.seeding         ? 
_exptl_crystal_grow.seeding_ref     ? 
_exptl_crystal_grow.temp            291 
_exptl_crystal_grow.temp_details    ? 
_exptl_crystal_grow.temp_esd        ? 
_exptl_crystal_grow.time            ? 
_exptl_crystal_grow.pdbx_details    
;1 MICROLITER DROPS CONTAINING EQUAL VOLUMES OF PROTEIN SOLUTION (10 MG/ML) AND A PRECIPITANT SOLUTION CONTAINING 0.1M SODIUM CITRATE BUFFER CONTAINING 0.1 M CHES
;
_exptl_crystal_grow.pdbx_pH_range   ? 
# 
_diffrn.ambient_environment    ? 
_diffrn.ambient_temp           100 
_diffrn.ambient_temp_details   ? 
_diffrn.ambient_temp_esd       ? 
_diffrn.crystal_id             1 
_diffrn.crystal_support        ? 
_diffrn.crystal_treatment      ? 
_diffrn.details                ? 
_diffrn.id                     1 
_diffrn.ambient_pressure       ? 
_diffrn.ambient_pressure_esd   ? 
_diffrn.ambient_pressure_gt    ? 
_diffrn.ambient_pressure_lt    ? 
_diffrn.ambient_temp_gt        ? 
_diffrn.ambient_temp_lt        ? 
# 
_diffrn_detector.details                      ? 
_diffrn_detector.detector                     PIXEL 
_diffrn_detector.diffrn_id                    1 
_diffrn_detector.type                         'DECTRIS PILATUS 2M-F' 
_diffrn_detector.area_resol_mean              ? 
_diffrn_detector.dtime                        ? 
_diffrn_detector.pdbx_frames_total            ? 
_diffrn_detector.pdbx_collection_time_total   ? 
_diffrn_detector.pdbx_collection_date         2013-08-30 
# 
_diffrn_radiation.collimation                      ? 
_diffrn_radiation.diffrn_id                        1 
_diffrn_radiation.filter_edge                      ? 
_diffrn_radiation.inhomogeneity                    ? 
_diffrn_radiation.monochromator                    ? 
_diffrn_radiation.polarisn_norm                    ? 
_diffrn_radiation.polarisn_ratio                   ? 
_diffrn_radiation.probe                            ? 
_diffrn_radiation.type                             ? 
_diffrn_radiation.xray_symbol                      ? 
_diffrn_radiation.wavelength_id                    1 
_diffrn_radiation.pdbx_monochromatic_or_laue_m_l   M 
_diffrn_radiation.pdbx_wavelength_list             ? 
_diffrn_radiation.pdbx_wavelength                  ? 
_diffrn_radiation.pdbx_diffrn_protocol             'SINGLE WAVELENGTH' 
_diffrn_radiation.pdbx_analyzer                    ? 
_diffrn_radiation.pdbx_scattering_type             x-ray 
# 
_diffrn_radiation_wavelength.id           1 
_diffrn_radiation_wavelength.wavelength   2.066 
_diffrn_radiation_wavelength.wt           1.0 
# 
_diffrn_source.current                     ? 
_diffrn_source.details                     ? 
_diffrn_source.diffrn_id                   1 
_diffrn_source.power                       ? 
_diffrn_source.size                        ? 
_diffrn_source.source                      SYNCHROTRON 
_diffrn_source.target                      ? 
_diffrn_source.type                        'SLS BEAMLINE X06DA' 
_diffrn_source.voltage                     ? 
_diffrn_source.take-off_angle              ? 
_diffrn_source.pdbx_wavelength_list        2.066 
_diffrn_source.pdbx_wavelength             ? 
_diffrn_source.pdbx_synchrotron_beamline   X06DA 
_diffrn_source.pdbx_synchrotron_site       SLS 
# 
_reflns.B_iso_Wilson_estimate            ? 
_reflns.entry_id                         4TNO 
_reflns.data_reduction_details           ? 
_reflns.data_reduction_method            ? 
_reflns.d_resolution_high                2.14 
_reflns.d_resolution_low                 50.000 
_reflns.details                          ? 
_reflns.limit_h_max                      ? 
_reflns.limit_h_min                      ? 
_reflns.limit_k_max                      ? 
_reflns.limit_k_min                      ? 
_reflns.limit_l_max                      ? 
_reflns.limit_l_min                      ? 
_reflns.number_all                       ? 
_reflns.number_obs                       10426 
_reflns.observed_criterion               ? 
_reflns.observed_criterion_F_max         ? 
_reflns.observed_criterion_F_min         ? 
_reflns.observed_criterion_I_max         ? 
_reflns.observed_criterion_I_min         ? 
_reflns.observed_criterion_sigma_F       ? 
_reflns.observed_criterion_sigma_I       ? 
_reflns.percent_possible_obs             97.1 
_reflns.R_free_details                   ? 
_reflns.Rmerge_F_all                     ? 
_reflns.Rmerge_F_obs                     ? 
_reflns.Friedel_coverage                 ? 
_reflns.number_gt                        ? 
_reflns.threshold_expression             ? 
_reflns.pdbx_redundancy                  76.2 
_reflns.pdbx_Rmerge_I_obs                0.034 
_reflns.pdbx_Rmerge_I_all                ? 
_reflns.pdbx_Rsym_value                  ? 
_reflns.pdbx_netI_over_av_sigmaI         ? 
_reflns.pdbx_netI_over_sigmaI            71.7 
_reflns.pdbx_res_netI_over_av_sigmaI_2   ? 
_reflns.pdbx_res_netI_over_sigmaI_2      ? 
_reflns.pdbx_chi_squared                 ? 
_reflns.pdbx_scaling_rejects             ? 
_reflns.pdbx_d_res_high_opt              ? 
_reflns.pdbx_d_res_low_opt               ? 
_reflns.pdbx_d_res_opt_method            ? 
_reflns.phase_calculation_details        ? 
_reflns.pdbx_Rrim_I_all                  ? 
_reflns.pdbx_Rpim_I_all                  ? 
_reflns.pdbx_d_opt                       ? 
_reflns.pdbx_number_measured_all         ? 
_reflns.pdbx_diffrn_id                   1 
_reflns.pdbx_ordinal                     1 
_reflns.pdbx_CC_half                     ? 
_reflns.pdbx_R_split                     ? 
# 
_reflns_shell.d_res_high                  . 
_reflns_shell.d_res_low                   ? 
_reflns_shell.meanI_over_sigI_all         ? 
_reflns_shell.meanI_over_sigI_obs         2.2 
_reflns_shell.number_measured_all         ? 
_reflns_shell.number_measured_obs         ? 
_reflns_shell.number_possible             ? 
_reflns_shell.number_unique_all           ? 
_reflns_shell.number_unique_obs           ? 
_reflns_shell.percent_possible_all        65.2 
_reflns_shell.percent_possible_obs        ? 
_reflns_shell.Rmerge_F_all                ? 
_reflns_shell.Rmerge_F_obs                ? 
_reflns_shell.Rmerge_I_all                ? 
_reflns_shell.Rmerge_I_obs                0.523 
_reflns_shell.meanI_over_sigI_gt          ? 
_reflns_shell.meanI_over_uI_all           ? 
_reflns_shell.meanI_over_uI_gt            ? 
_reflns_shell.number_measured_gt          ? 
_reflns_shell.number_unique_gt            ? 
_reflns_shell.percent_possible_gt         ? 
_reflns_shell.Rmerge_F_gt                 ? 
_reflns_shell.Rmerge_I_gt                 ? 
_reflns_shell.pdbx_redundancy             3.0 
_reflns_shell.pdbx_Rsym_value             ? 
_reflns_shell.pdbx_chi_squared            ? 
_reflns_shell.pdbx_netI_over_sigmaI_all   ? 
_reflns_shell.pdbx_netI_over_sigmaI_obs   ? 
_reflns_shell.pdbx_Rrim_I_all             ? 
_reflns_shell.pdbx_Rpim_I_all             ? 
_reflns_shell.pdbx_rejects                ? 
_reflns_shell.pdbx_ordinal                1 
_reflns_shell.pdbx_diffrn_id              1 
_reflns_shell.pdbx_CC_half                ? 
_reflns_shell.pdbx_R_split                ? 
# 
_refine.aniso_B[1][1]                            ? 
_refine.aniso_B[1][2]                            ? 
_refine.aniso_B[1][3]                            ? 
_refine.aniso_B[2][2]                            ? 
_refine.aniso_B[2][3]                            ? 
_refine.aniso_B[3][3]                            ? 
_refine.B_iso_max                                ? 
_refine.B_iso_mean                               ? 
_refine.B_iso_min                                ? 
_refine.correlation_coeff_Fo_to_Fc               ? 
_refine.correlation_coeff_Fo_to_Fc_free          ? 
_refine.details                                  ? 
_refine.diff_density_max                         ? 
_refine.diff_density_max_esd                     ? 
_refine.diff_density_min                         ? 
_refine.diff_density_min_esd                     ? 
_refine.diff_density_rms                         ? 
_refine.diff_density_rms_esd                     ? 
_refine.entry_id                                 4TNO 
_refine.pdbx_refine_id                           'X-RAY DIFFRACTION' 
_refine.ls_abs_structure_details                 ? 
_refine.ls_abs_structure_Flack                   ? 
_refine.ls_abs_structure_Flack_esd               ? 
_refine.ls_abs_structure_Rogers                  ? 
_refine.ls_abs_structure_Rogers_esd              ? 
_refine.ls_d_res_high                            2.14 
_refine.ls_d_res_low                             40.948 
_refine.ls_extinction_coef                       ? 
_refine.ls_extinction_coef_esd                   ? 
_refine.ls_extinction_expression                 ? 
_refine.ls_extinction_method                     ? 
_refine.ls_goodness_of_fit_all                   ? 
_refine.ls_goodness_of_fit_all_esd               ? 
_refine.ls_goodness_of_fit_obs                   ? 
_refine.ls_goodness_of_fit_obs_esd               ? 
_refine.ls_hydrogen_treatment                    ? 
_refine.ls_matrix_type                           ? 
_refine.ls_number_constraints                    ? 
_refine.ls_number_parameters                     ? 
_refine.ls_number_reflns_all                     ? 
_refine.ls_number_reflns_obs                     9591 
_refine.ls_number_reflns_R_free                  943 
_refine.ls_number_reflns_R_work                  ? 
_refine.ls_number_restraints                     ? 
_refine.ls_percent_reflns_obs                    97.01 
_refine.ls_percent_reflns_R_free                 9.83 
_refine.ls_R_factor_all                          ? 
_refine.ls_R_factor_obs                          0.2577 
_refine.ls_R_factor_R_free                       0.3053 
_refine.ls_R_factor_R_free_error                 ? 
_refine.ls_R_factor_R_free_error_details         ? 
_refine.ls_R_factor_R_work                       0.2525 
_refine.ls_R_Fsqd_factor_obs                     ? 
_refine.ls_R_I_factor_obs                        ? 
_refine.ls_redundancy_reflns_all                 ? 
_refine.ls_redundancy_reflns_obs                 ? 
_refine.ls_restrained_S_all                      ? 
_refine.ls_restrained_S_obs                      ? 
_refine.ls_shift_over_esd_max                    ? 
_refine.ls_shift_over_esd_mean                   ? 
_refine.ls_structure_factor_coef                 ? 
_refine.ls_weighting_details                     ? 
_refine.ls_weighting_scheme                      ? 
_refine.ls_wR_factor_all                         ? 
_refine.ls_wR_factor_obs                         ? 
_refine.ls_wR_factor_R_free                      ? 
_refine.ls_wR_factor_R_work                      ? 
_refine.occupancy_max                            ? 
_refine.occupancy_min                            ? 
_refine.solvent_model_details                    'FLAT BULK SOLVENT MODEL' 
_refine.solvent_model_param_bsol                 ? 
_refine.solvent_model_param_ksol                 ? 
_refine.ls_R_factor_gt                           ? 
_refine.ls_goodness_of_fit_gt                    ? 
_refine.ls_goodness_of_fit_ref                   ? 
_refine.ls_shift_over_su_max                     ? 
_refine.ls_shift_over_su_max_lt                  ? 
_refine.ls_shift_over_su_mean                    ? 
_refine.ls_shift_over_su_mean_lt                 ? 
_refine.pdbx_ls_sigma_I                          ? 
_refine.pdbx_ls_sigma_F                          1.46 
_refine.pdbx_ls_sigma_Fsqd                       ? 
_refine.pdbx_data_cutoff_high_absF               ? 
_refine.pdbx_data_cutoff_high_rms_absF           ? 
_refine.pdbx_data_cutoff_low_absF                ? 
_refine.pdbx_isotropic_thermal_model             ? 
_refine.pdbx_ls_cross_valid_method               'FREE R-VALUE' 
_refine.pdbx_method_to_determine_struct          SAD 
_refine.pdbx_starting_model                      ? 
_refine.pdbx_stereochemistry_target_values       MLHL 
_refine.pdbx_R_Free_selection_details            ? 
_refine.pdbx_stereochem_target_val_spec_case     ? 
_refine.pdbx_overall_ESU_R                       ? 
_refine.pdbx_overall_ESU_R_Free                  ? 
_refine.pdbx_solvent_vdw_probe_radii             1.11 
_refine.pdbx_solvent_ion_probe_radii             ? 
_refine.pdbx_solvent_shrinkage_radii             0.90 
_refine.pdbx_real_space_R                        ? 
_refine.pdbx_density_correlation                 ? 
_refine.pdbx_pd_number_of_powder_patterns        ? 
_refine.pdbx_pd_number_of_points                 ? 
_refine.pdbx_pd_meas_number_of_points            ? 
_refine.pdbx_pd_proc_ls_prof_R_factor            ? 
_refine.pdbx_pd_proc_ls_prof_wR_factor           ? 
_refine.pdbx_pd_Marquardt_correlation_coeff      ? 
_refine.pdbx_pd_Fsqrd_R_factor                   ? 
_refine.pdbx_pd_ls_matrix_band_width             ? 
_refine.pdbx_overall_phase_error                 0.3861 
_refine.pdbx_overall_SU_R_free_Cruickshank_DPI   ? 
_refine.pdbx_overall_SU_R_free_Blow_DPI          ? 
_refine.pdbx_overall_SU_R_Blow_DPI               ? 
_refine.pdbx_TLS_residual_ADP_flag               ? 
_refine.pdbx_diffrn_id                           1 
_refine.overall_SU_B                             ? 
_refine.overall_SU_ML                            0.42 
_refine.overall_SU_R_Cruickshank_DPI             ? 
_refine.overall_SU_R_free                        ? 
_refine.overall_FOM_free_R_set                   ? 
_refine.overall_FOM_work_R_set                   ? 
# 
_refine_hist.pdbx_refine_id                   'X-RAY DIFFRACTION' 
_refine_hist.cycle_id                         LAST 
_refine_hist.pdbx_number_atoms_protein        693 
_refine_hist.pdbx_number_atoms_nucleic_acid   0 
_refine_hist.pdbx_number_atoms_ligand         2 
_refine_hist.number_atoms_solvent             9 
_refine_hist.number_atoms_total               704 
_refine_hist.d_res_high                       2.14 
_refine_hist.d_res_low                        40.948 
# 
loop_
_refine_ls_restr.pdbx_refine_id 
_refine_ls_restr.criterion 
_refine_ls_restr.dev_ideal 
_refine_ls_restr.dev_ideal_target 
_refine_ls_restr.number 
_refine_ls_restr.rejects 
_refine_ls_restr.type 
_refine_ls_restr.weight 
_refine_ls_restr.pdbx_restraint_function 
'X-RAY DIFFRACTION' ? 0.010  ? 704 ? f_bond_d           ? ? 
'X-RAY DIFFRACTION' ? 1.338  ? 947 ? f_angle_d          ? ? 
'X-RAY DIFFRACTION' ? 19.321 ? 276 ? f_dihedral_angle_d ? ? 
'X-RAY DIFFRACTION' ? 0.050  ? 108 ? f_chiral_restr     ? ? 
'X-RAY DIFFRACTION' ? 0.009  ? 119 ? f_plane_restr      ? ? 
# 
loop_
_refine_ls_shell.pdbx_refine_id 
_refine_ls_shell.d_res_high 
_refine_ls_shell.d_res_low 
_refine_ls_shell.number_reflns_all 
_refine_ls_shell.number_reflns_obs 
_refine_ls_shell.number_reflns_R_free 
_refine_ls_shell.number_reflns_R_work 
_refine_ls_shell.percent_reflns_obs 
_refine_ls_shell.percent_reflns_R_free 
_refine_ls_shell.R_factor_all 
_refine_ls_shell.R_factor_obs 
_refine_ls_shell.R_factor_R_free 
_refine_ls_shell.R_factor_R_free_error 
_refine_ls_shell.R_factor_R_work 
_refine_ls_shell.redundancy_reflns_all 
_refine_ls_shell.redundancy_reflns_obs 
_refine_ls_shell.wR_factor_all 
_refine_ls_shell.wR_factor_obs 
_refine_ls_shell.wR_factor_R_free 
_refine_ls_shell.wR_factor_R_work 
_refine_ls_shell.pdbx_total_number_of_bins_used 
_refine_ls_shell.pdbx_phase_error 
'X-RAY DIFFRACTION' 2.14   2.2468  . . 106 1030 80.00  . . . 0.3956 . 0.3301 . . . . . . . . 
'X-RAY DIFFRACTION' 2.2468 2.3876  . . 127 1272 100.00 . . . 0.4208 . 0.3033 . . . . . . . . 
'X-RAY DIFFRACTION' 2.3876 2.5719  . . 146 1271 100.00 . . . 0.3676 . 0.3265 . . . . . . . . 
'X-RAY DIFFRACTION' 2.5719 2.8307  . . 144 1246 100.00 . . . 0.5124 . 0.3405 . . . . . . . . 
'X-RAY DIFFRACTION' 2.8307 3.2401  . . 150 1267 100.00 . . . 0.3240 . 0.2970 . . . . . . . . 
'X-RAY DIFFRACTION' 3.2401 4.0816  . . 140 1275 100.00 . . . 0.2943 . 0.2486 . . . . . . . . 
'X-RAY DIFFRACTION' 4.0816 40.9559 . . 130 1287 100.00 . . . 0.2426 . 0.2078 . . . . . . . . 
# 
_struct.entry_id                     4TNO 
_struct.title                        
'Hypothetical protein PF1117 from Pyrococcus Furiosus: Structure solved by sulfur-SAD using Swiss Light Source Data' 
_struct.pdbx_model_details           ? 
_struct.pdbx_formula_weight          ? 
_struct.pdbx_formula_weight_method   ? 
_struct.pdbx_model_type_details      ? 
_struct.pdbx_CASP_flag               ? 
# 
_struct_keywords.entry_id        4TNO 
_struct_keywords.text            'SULFUR SAD, hydrolase' 
_struct_keywords.pdbx_keywords   HYDROLASE 
# 
loop_
_struct_asym.id 
_struct_asym.pdbx_blank_PDB_chainid_flag 
_struct_asym.pdbx_modified 
_struct_asym.entity_id 
_struct_asym.details 
A N N 1 ? 
B N N 2 ? 
C N N 2 ? 
D N N 3 ? 
# 
_struct_ref.id                         1 
_struct_ref.db_name                    UNP 
_struct_ref.db_code                    CAS2_PYRFU 
_struct_ref.pdbx_db_accession          Q8U1T8 
_struct_ref.entity_id                  1 
_struct_ref.pdbx_seq_one_letter_code   
;MYIVVVYDVGVERVNKVKKFLRMHLNWVQNSVFEGEVTLAEFERIKEGLKKIIDENSDSVIIYKLRSMPPRETLGIEKNP
IEEII
;
_struct_ref.pdbx_align_begin           1 
_struct_ref.pdbx_db_isoform            ? 
# 
_struct_ref_seq.align_id                      1 
_struct_ref_seq.ref_id                        1 
_struct_ref_seq.pdbx_PDB_id_code              4TNO 
_struct_ref_seq.pdbx_strand_id                A 
_struct_ref_seq.seq_align_beg                 1 
_struct_ref_seq.pdbx_seq_align_beg_ins_code   ? 
_struct_ref_seq.seq_align_end                 85 
_struct_ref_seq.pdbx_seq_align_end_ins_code   ? 
_struct_ref_seq.pdbx_db_accession             Q8U1T8 
_struct_ref_seq.db_align_beg                  1 
_struct_ref_seq.pdbx_db_align_beg_ins_code    ? 
_struct_ref_seq.db_align_end                  85 
_struct_ref_seq.pdbx_db_align_end_ins_code    ? 
_struct_ref_seq.pdbx_auth_seq_align_beg       1 
_struct_ref_seq.pdbx_auth_seq_align_end       85 
# 
_pdbx_struct_assembly.id                   1 
_pdbx_struct_assembly.details              author_and_software_defined_assembly 
_pdbx_struct_assembly.method_details       PISA 
_pdbx_struct_assembly.oligomeric_details   dimeric 
_pdbx_struct_assembly.oligomeric_count     2 
# 
loop_
_pdbx_struct_assembly_prop.biol_id 
_pdbx_struct_assembly_prop.type 
_pdbx_struct_assembly_prop.value 
_pdbx_struct_assembly_prop.details 
1 'ABSA (A^2)' 3510 ? 
1 MORE         -50  ? 
1 'SSA (A^2)'  9170 ? 
# 
_pdbx_struct_assembly_gen.assembly_id       1 
_pdbx_struct_assembly_gen.oper_expression   1,2 
_pdbx_struct_assembly_gen.asym_id_list      A,B,C,D 
# 
loop_
_pdbx_struct_oper_list.id 
_pdbx_struct_oper_list.type 
_pdbx_struct_oper_list.name 
_pdbx_struct_oper_list.symmetry_operation 
_pdbx_struct_oper_list.matrix[1][1] 
_pdbx_struct_oper_list.matrix[1][2] 
_pdbx_struct_oper_list.matrix[1][3] 
_pdbx_struct_oper_list.vector[1] 
_pdbx_struct_oper_list.matrix[2][1] 
_pdbx_struct_oper_list.matrix[2][2] 
_pdbx_struct_oper_list.matrix[2][3] 
_pdbx_struct_oper_list.vector[2] 
_pdbx_struct_oper_list.matrix[3][1] 
_pdbx_struct_oper_list.matrix[3][2] 
_pdbx_struct_oper_list.matrix[3][3] 
_pdbx_struct_oper_list.vector[3] 
1 'identity operation'         1_555 x,y,z        1.0000000000  0.0000000000  0.0000000000 0.0000000000 0.0000000000  1.0000000000 0.0000000000  0.0000000000 0.0000000000 0.0000000000  1.0000000000  0.0000000000  
2 'crystal symmetry operation' 8_555 -y,-x,-z+1/2 -0.9968969366 -0.0677797700 0.0400299951 6.3177904156 -0.0677797700 0.4805038378 -0.8743694669 8.0520235958 0.0400299951 -0.8743694669 -0.4836069012 13.1441385937 
# 
loop_
_struct_conf.conf_type_id 
_struct_conf.id 
_struct_conf.pdbx_PDB_helix_id 
_struct_conf.beg_label_comp_id 
_struct_conf.beg_label_asym_id 
_struct_conf.beg_label_seq_id 
_struct_conf.pdbx_beg_PDB_ins_code 
_struct_conf.end_label_comp_id 
_struct_conf.end_label_asym_id 
_struct_conf.end_label_seq_id 
_struct_conf.pdbx_end_PDB_ins_code 
_struct_conf.beg_auth_comp_id 
_struct_conf.beg_auth_asym_id 
_struct_conf.beg_auth_seq_id 
_struct_conf.end_auth_comp_id 
_struct_conf.end_auth_asym_id 
_struct_conf.end_auth_seq_id 
_struct_conf.pdbx_PDB_helix_class 
_struct_conf.details 
_struct_conf.pdbx_PDB_helix_length 
HELX_P HELX_P1 AA1 ARG A 13 ? ARG A 22 ? ARG A 13 ARG A 22 1 ? 10 
HELX_P HELX_P2 AA2 THR A 38 ? ILE A 53 ? THR A 38 ILE A 53 1 ? 16 
# 
_struct_conf_type.id          HELX_P 
_struct_conf_type.criteria    ? 
_struct_conf_type.reference   ? 
# 
_struct_sheet.id               AA1 
_struct_sheet.type             ? 
_struct_sheet.number_strands   4 
_struct_sheet.details          ? 
# 
loop_
_struct_sheet_order.sheet_id 
_struct_sheet_order.range_id_1 
_struct_sheet_order.range_id_2 
_struct_sheet_order.offset 
_struct_sheet_order.sense 
AA1 1 2 ? anti-parallel 
AA1 2 3 ? anti-parallel 
AA1 3 4 ? anti-parallel 
# 
loop_
_struct_sheet_range.sheet_id 
_struct_sheet_range.id 
_struct_sheet_range.beg_label_comp_id 
_struct_sheet_range.beg_label_asym_id 
_struct_sheet_range.beg_label_seq_id 
_struct_sheet_range.pdbx_beg_PDB_ins_code 
_struct_sheet_range.end_label_comp_id 
_struct_sheet_range.end_label_asym_id 
_struct_sheet_range.end_label_seq_id 
_struct_sheet_range.pdbx_end_PDB_ins_code 
_struct_sheet_range.beg_auth_comp_id 
_struct_sheet_range.beg_auth_asym_id 
_struct_sheet_range.beg_auth_seq_id 
_struct_sheet_range.end_auth_comp_id 
_struct_sheet_range.end_auth_asym_id 
_struct_sheet_range.end_auth_seq_id 
AA1 1 ASN A 26 ? GLN A 29 ? ASN A 26 GLN A 29 
AA1 2 VAL A 32 ? GLU A 36 ? VAL A 32 GLU A 36 
AA1 3 TYR A 2  ? ASP A 8  ? TYR A 2  ASP A 8  
AA1 4 SER A 59 ? LEU A 65 ? SER A 59 LEU A 65 
# 
loop_
_pdbx_struct_sheet_hbond.sheet_id 
_pdbx_struct_sheet_hbond.range_id_1 
_pdbx_struct_sheet_hbond.range_id_2 
_pdbx_struct_sheet_hbond.range_1_label_atom_id 
_pdbx_struct_sheet_hbond.range_1_label_comp_id 
_pdbx_struct_sheet_hbond.range_1_label_asym_id 
_pdbx_struct_sheet_hbond.range_1_label_seq_id 
_pdbx_struct_sheet_hbond.range_1_PDB_ins_code 
_pdbx_struct_sheet_hbond.range_1_auth_atom_id 
_pdbx_struct_sheet_hbond.range_1_auth_comp_id 
_pdbx_struct_sheet_hbond.range_1_auth_asym_id 
_pdbx_struct_sheet_hbond.range_1_auth_seq_id 
_pdbx_struct_sheet_hbond.range_2_label_atom_id 
_pdbx_struct_sheet_hbond.range_2_label_comp_id 
_pdbx_struct_sheet_hbond.range_2_label_asym_id 
_pdbx_struct_sheet_hbond.range_2_label_seq_id 
_pdbx_struct_sheet_hbond.range_2_PDB_ins_code 
_pdbx_struct_sheet_hbond.range_2_auth_atom_id 
_pdbx_struct_sheet_hbond.range_2_auth_comp_id 
_pdbx_struct_sheet_hbond.range_2_auth_asym_id 
_pdbx_struct_sheet_hbond.range_2_auth_seq_id 
AA1 1 2 N ASN A 26 ? N ASN A 26 O GLU A 34 ? O GLU A 34 
AA1 2 3 O PHE A 33 ? O PHE A 33 N VAL A 5  ? N VAL A 5  
AA1 3 4 N VAL A 4  ? N VAL A 4  O TYR A 63 ? O TYR A 63 
# 
loop_
_struct_site.id 
_struct_site.pdbx_evidence_code 
_struct_site.pdbx_auth_asym_id 
_struct_site.pdbx_auth_comp_id 
_struct_site.pdbx_auth_seq_id 
_struct_site.pdbx_auth_ins_code 
_struct_site.pdbx_num_residues 
_struct_site.details 
AC1 Software A CL 101 ? 4 'binding site for residue CL A 101' 
AC2 Software A CL 102 ? 4 'binding site for residue CL A 102' 
# 
loop_
_struct_site_gen.id 
_struct_site_gen.site_id 
_struct_site_gen.pdbx_num_res 
_struct_site_gen.label_comp_id 
_struct_site_gen.label_asym_id 
_struct_site_gen.label_seq_id 
_struct_site_gen.pdbx_auth_ins_code 
_struct_site_gen.auth_comp_id 
_struct_site_gen.auth_asym_id 
_struct_site_gen.auth_seq_id 
_struct_site_gen.label_atom_id 
_struct_site_gen.label_alt_id 
_struct_site_gen.symmetry 
_struct_site_gen.details 
1 AC1 4 ARG A 22 ? ARG A 22  . ? 1_555 ? 
2 AC1 4 TRP A 27 ? TRP A 27  . ? 1_555 ? 
3 AC1 4 HOH D .  ? HOH A 207 . ? 1_555 ? 
4 AC1 4 HOH D .  ? HOH A 208 . ? 1_555 ? 
5 AC2 4 LYS A 19 ? LYS A 19  . ? 5_545 ? 
6 AC2 4 ARG A 22 ? ARG A 22  . ? 5_545 ? 
7 AC2 4 GLU A 36 ? GLU A 36  . ? 1_555 ? 
8 AC2 4 MET A 68 ? MET A 68  . ? 1_555 ? 
# 
_pdbx_validate_close_contact.id               1 
_pdbx_validate_close_contact.PDB_model_num    1 
_pdbx_validate_close_contact.auth_atom_id_1   NE2 
_pdbx_validate_close_contact.auth_asym_id_1   A 
_pdbx_validate_close_contact.auth_comp_id_1   GLN 
_pdbx_validate_close_contact.auth_seq_id_1    29 
_pdbx_validate_close_contact.PDB_ins_code_1   ? 
_pdbx_validate_close_contact.label_alt_id_1   ? 
_pdbx_validate_close_contact.auth_atom_id_2   O 
_pdbx_validate_close_contact.auth_asym_id_2   A 
_pdbx_validate_close_contact.auth_comp_id_2   HOH 
_pdbx_validate_close_contact.auth_seq_id_2    201 
_pdbx_validate_close_contact.PDB_ins_code_2   ? 
_pdbx_validate_close_contact.label_alt_id_2   ? 
_pdbx_validate_close_contact.dist             1.94 
# 
loop_
_pdbx_validate_torsion.id 
_pdbx_validate_torsion.PDB_model_num 
_pdbx_validate_torsion.auth_comp_id 
_pdbx_validate_torsion.auth_asym_id 
_pdbx_validate_torsion.auth_seq_id 
_pdbx_validate_torsion.PDB_ins_code 
_pdbx_validate_torsion.label_alt_id 
_pdbx_validate_torsion.phi 
_pdbx_validate_torsion.psi 
1 1 ASN A 56 ? ? -178.25 -13.16 
2 1 SER A 57 ? ? -145.66 -5.12  
3 1 ILE A 76 ? ? -57.45  99.95  
4 1 ASN A 79 ? ? -153.56 88.19  
5 1 PRO A 80 ? ? -36.78  135.59 
# 
_pdbx_unobs_or_zero_occ_residues.id               1 
_pdbx_unobs_or_zero_occ_residues.PDB_model_num    1 
_pdbx_unobs_or_zero_occ_residues.polymer_flag     Y 
_pdbx_unobs_or_zero_occ_residues.occupancy_flag   1 
_pdbx_unobs_or_zero_occ_residues.auth_asym_id     A 
_pdbx_unobs_or_zero_occ_residues.auth_comp_id     ILE 
_pdbx_unobs_or_zero_occ_residues.auth_seq_id      85 
_pdbx_unobs_or_zero_occ_residues.PDB_ins_code     ? 
_pdbx_unobs_or_zero_occ_residues.label_asym_id    A 
_pdbx_unobs_or_zero_occ_residues.label_comp_id    ILE 
_pdbx_unobs_or_zero_occ_residues.label_seq_id     85 
# 
loop_
_chem_comp_atom.comp_id 
_chem_comp_atom.atom_id 
_chem_comp_atom.type_symbol 
_chem_comp_atom.pdbx_aromatic_flag 
_chem_comp_atom.pdbx_stereo_config 
_chem_comp_atom.pdbx_ordinal 
ALA N    N  N N 1   
ALA CA   C  N S 2   
ALA C    C  N N 3   
ALA O    O  N N 4   
ALA CB   C  N N 5   
ALA OXT  O  N N 6   
ALA H    H  N N 7   
ALA H2   H  N N 8   
ALA HA   H  N N 9   
ALA HB1  H  N N 10  
ALA HB2  H  N N 11  
ALA HB3  H  N N 12  
ALA HXT  H  N N 13  
ARG N    N  N N 14  
ARG CA   C  N S 15  
ARG C    C  N N 16  
ARG O    O  N N 17  
ARG CB   C  N N 18  
ARG CG   C  N N 19  
ARG CD   C  N N 20  
ARG NE   N  N N 21  
ARG CZ   C  N N 22  
ARG NH1  N  N N 23  
ARG NH2  N  N N 24  
ARG OXT  O  N N 25  
ARG H    H  N N 26  
ARG H2   H  N N 27  
ARG HA   H  N N 28  
ARG HB2  H  N N 29  
ARG HB3  H  N N 30  
ARG HG2  H  N N 31  
ARG HG3  H  N N 32  
ARG HD2  H  N N 33  
ARG HD3  H  N N 34  
ARG HE   H  N N 35  
ARG HH11 H  N N 36  
ARG HH12 H  N N 37  
ARG HH21 H  N N 38  
ARG HH22 H  N N 39  
ARG HXT  H  N N 40  
ASN N    N  N N 41  
ASN CA   C  N S 42  
ASN C    C  N N 43  
ASN O    O  N N 44  
ASN CB   C  N N 45  
ASN CG   C  N N 46  
ASN OD1  O  N N 47  
ASN ND2  N  N N 48  
ASN OXT  O  N N 49  
ASN H    H  N N 50  
ASN H2   H  N N 51  
ASN HA   H  N N 52  
ASN HB2  H  N N 53  
ASN HB3  H  N N 54  
ASN HD21 H  N N 55  
ASN HD22 H  N N 56  
ASN HXT  H  N N 57  
ASP N    N  N N 58  
ASP CA   C  N S 59  
ASP C    C  N N 60  
ASP O    O  N N 61  
ASP CB   C  N N 62  
ASP CG   C  N N 63  
ASP OD1  O  N N 64  
ASP OD2  O  N N 65  
ASP OXT  O  N N 66  
ASP H    H  N N 67  
ASP H2   H  N N 68  
ASP HA   H  N N 69  
ASP HB2  H  N N 70  
ASP HB3  H  N N 71  
ASP HD2  H  N N 72  
ASP HXT  H  N N 73  
CL  CL   CL N N 74  
GLN N    N  N N 75  
GLN CA   C  N S 76  
GLN C    C  N N 77  
GLN O    O  N N 78  
GLN CB   C  N N 79  
GLN CG   C  N N 80  
GLN CD   C  N N 81  
GLN OE1  O  N N 82  
GLN NE2  N  N N 83  
GLN OXT  O  N N 84  
GLN H    H  N N 85  
GLN H2   H  N N 86  
GLN HA   H  N N 87  
GLN HB2  H  N N 88  
GLN HB3  H  N N 89  
GLN HG2  H  N N 90  
GLN HG3  H  N N 91  
GLN HE21 H  N N 92  
GLN HE22 H  N N 93  
GLN HXT  H  N N 94  
GLU N    N  N N 95  
GLU CA   C  N S 96  
GLU C    C  N N 97  
GLU O    O  N N 98  
GLU CB   C  N N 99  
GLU CG   C  N N 100 
GLU CD   C  N N 101 
GLU OE1  O  N N 102 
GLU OE2  O  N N 103 
GLU OXT  O  N N 104 
GLU H    H  N N 105 
GLU H2   H  N N 106 
GLU HA   H  N N 107 
GLU HB2  H  N N 108 
GLU HB3  H  N N 109 
GLU HG2  H  N N 110 
GLU HG3  H  N N 111 
GLU HE2  H  N N 112 
GLU HXT  H  N N 113 
GLY N    N  N N 114 
GLY CA   C  N N 115 
GLY C    C  N N 116 
GLY O    O  N N 117 
GLY OXT  O  N N 118 
GLY H    H  N N 119 
GLY H2   H  N N 120 
GLY HA2  H  N N 121 
GLY HA3  H  N N 122 
GLY HXT  H  N N 123 
HIS N    N  N N 124 
HIS CA   C  N S 125 
HIS C    C  N N 126 
HIS O    O  N N 127 
HIS CB   C  N N 128 
HIS CG   C  Y N 129 
HIS ND1  N  Y N 130 
HIS CD2  C  Y N 131 
HIS CE1  C  Y N 132 
HIS NE2  N  Y N 133 
HIS OXT  O  N N 134 
HIS H    H  N N 135 
HIS H2   H  N N 136 
HIS HA   H  N N 137 
HIS HB2  H  N N 138 
HIS HB3  H  N N 139 
HIS HD1  H  N N 140 
HIS HD2  H  N N 141 
HIS HE1  H  N N 142 
HIS HE2  H  N N 143 
HIS HXT  H  N N 144 
HOH O    O  N N 145 
HOH H1   H  N N 146 
HOH H2   H  N N 147 
ILE N    N  N N 148 
ILE CA   C  N S 149 
ILE C    C  N N 150 
ILE O    O  N N 151 
ILE CB   C  N S 152 
ILE CG1  C  N N 153 
ILE CG2  C  N N 154 
ILE CD1  C  N N 155 
ILE OXT  O  N N 156 
ILE H    H  N N 157 
ILE H2   H  N N 158 
ILE HA   H  N N 159 
ILE HB   H  N N 160 
ILE HG12 H  N N 161 
ILE HG13 H  N N 162 
ILE HG21 H  N N 163 
ILE HG22 H  N N 164 
ILE HG23 H  N N 165 
ILE HD11 H  N N 166 
ILE HD12 H  N N 167 
ILE HD13 H  N N 168 
ILE HXT  H  N N 169 
LEU N    N  N N 170 
LEU CA   C  N S 171 
LEU C    C  N N 172 
LEU O    O  N N 173 
LEU CB   C  N N 174 
LEU CG   C  N N 175 
LEU CD1  C  N N 176 
LEU CD2  C  N N 177 
LEU OXT  O  N N 178 
LEU H    H  N N 179 
LEU H2   H  N N 180 
LEU HA   H  N N 181 
LEU HB2  H  N N 182 
LEU HB3  H  N N 183 
LEU HG   H  N N 184 
LEU HD11 H  N N 185 
LEU HD12 H  N N 186 
LEU HD13 H  N N 187 
LEU HD21 H  N N 188 
LEU HD22 H  N N 189 
LEU HD23 H  N N 190 
LEU HXT  H  N N 191 
LYS N    N  N N 192 
LYS CA   C  N S 193 
LYS C    C  N N 194 
LYS O    O  N N 195 
LYS CB   C  N N 196 
LYS CG   C  N N 197 
LYS CD   C  N N 198 
LYS CE   C  N N 199 
LYS NZ   N  N N 200 
LYS OXT  O  N N 201 
LYS H    H  N N 202 
LYS H2   H  N N 203 
LYS HA   H  N N 204 
LYS HB2  H  N N 205 
LYS HB3  H  N N 206 
LYS HG2  H  N N 207 
LYS HG3  H  N N 208 
LYS HD2  H  N N 209 
LYS HD3  H  N N 210 
LYS HE2  H  N N 211 
LYS HE3  H  N N 212 
LYS HZ1  H  N N 213 
LYS HZ2  H  N N 214 
LYS HZ3  H  N N 215 
LYS HXT  H  N N 216 
MET N    N  N N 217 
MET CA   C  N S 218 
MET C    C  N N 219 
MET O    O  N N 220 
MET CB   C  N N 221 
MET CG   C  N N 222 
MET SD   S  N N 223 
MET CE   C  N N 224 
MET OXT  O  N N 225 
MET H    H  N N 226 
MET H2   H  N N 227 
MET HA   H  N N 228 
MET HB2  H  N N 229 
MET HB3  H  N N 230 
MET HG2  H  N N 231 
MET HG3  H  N N 232 
MET HE1  H  N N 233 
MET HE2  H  N N 234 
MET HE3  H  N N 235 
MET HXT  H  N N 236 
PHE N    N  N N 237 
PHE CA   C  N S 238 
PHE C    C  N N 239 
PHE O    O  N N 240 
PHE CB   C  N N 241 
PHE CG   C  Y N 242 
PHE CD1  C  Y N 243 
PHE CD2  C  Y N 244 
PHE CE1  C  Y N 245 
PHE CE2  C  Y N 246 
PHE CZ   C  Y N 247 
PHE OXT  O  N N 248 
PHE H    H  N N 249 
PHE H2   H  N N 250 
PHE HA   H  N N 251 
PHE HB2  H  N N 252 
PHE HB3  H  N N 253 
PHE HD1  H  N N 254 
PHE HD2  H  N N 255 
PHE HE1  H  N N 256 
PHE HE2  H  N N 257 
PHE HZ   H  N N 258 
PHE HXT  H  N N 259 
PRO N    N  N N 260 
PRO CA   C  N S 261 
PRO C    C  N N 262 
PRO O    O  N N 263 
PRO CB   C  N N 264 
PRO CG   C  N N 265 
PRO CD   C  N N 266 
PRO OXT  O  N N 267 
PRO H    H  N N 268 
PRO HA   H  N N 269 
PRO HB2  H  N N 270 
PRO HB3  H  N N 271 
PRO HG2  H  N N 272 
PRO HG3  H  N N 273 
PRO HD2  H  N N 274 
PRO HD3  H  N N 275 
PRO HXT  H  N N 276 
SER N    N  N N 277 
SER CA   C  N S 278 
SER C    C  N N 279 
SER O    O  N N 280 
SER CB   C  N N 281 
SER OG   O  N N 282 
SER OXT  O  N N 283 
SER H    H  N N 284 
SER H2   H  N N 285 
SER HA   H  N N 286 
SER HB2  H  N N 287 
SER HB3  H  N N 288 
SER HG   H  N N 289 
SER HXT  H  N N 290 
THR N    N  N N 291 
THR CA   C  N S 292 
THR C    C  N N 293 
THR O    O  N N 294 
THR CB   C  N R 295 
THR OG1  O  N N 296 
THR CG2  C  N N 297 
THR OXT  O  N N 298 
THR H    H  N N 299 
THR H2   H  N N 300 
THR HA   H  N N 301 
THR HB   H  N N 302 
THR HG1  H  N N 303 
THR HG21 H  N N 304 
THR HG22 H  N N 305 
THR HG23 H  N N 306 
THR HXT  H  N N 307 
TRP N    N  N N 308 
TRP CA   C  N S 309 
TRP C    C  N N 310 
TRP O    O  N N 311 
TRP CB   C  N N 312 
TRP CG   C  Y N 313 
TRP CD1  C  Y N 314 
TRP CD2  C  Y N 315 
TRP NE1  N  Y N 316 
TRP CE2  C  Y N 317 
TRP CE3  C  Y N 318 
TRP CZ2  C  Y N 319 
TRP CZ3  C  Y N 320 
TRP CH2  C  Y N 321 
TRP OXT  O  N N 322 
TRP H    H  N N 323 
TRP H2   H  N N 324 
TRP HA   H  N N 325 
TRP HB2  H  N N 326 
TRP HB3  H  N N 327 
TRP HD1  H  N N 328 
TRP HE1  H  N N 329 
TRP HE3  H  N N 330 
TRP HZ2  H  N N 331 
TRP HZ3  H  N N 332 
TRP HH2  H  N N 333 
TRP HXT  H  N N 334 
TYR N    N  N N 335 
TYR CA   C  N S 336 
TYR C    C  N N 337 
TYR O    O  N N 338 
TYR CB   C  N N 339 
TYR CG   C  Y N 340 
TYR CD1  C  Y N 341 
TYR CD2  C  Y N 342 
TYR CE1  C  Y N 343 
TYR CE2  C  Y N 344 
TYR CZ   C  Y N 345 
TYR OH   O  N N 346 
TYR OXT  O  N N 347 
TYR H    H  N N 348 
TYR H2   H  N N 349 
TYR HA   H  N N 350 
TYR HB2  H  N N 351 
TYR HB3  H  N N 352 
TYR HD1  H  N N 353 
TYR HD2  H  N N 354 
TYR HE1  H  N N 355 
TYR HE2  H  N N 356 
TYR HH   H  N N 357 
TYR HXT  H  N N 358 
VAL N    N  N N 359 
VAL CA   C  N S 360 
VAL C    C  N N 361 
VAL O    O  N N 362 
VAL CB   C  N N 363 
VAL CG1  C  N N 364 
VAL CG2  C  N N 365 
VAL OXT  O  N N 366 
VAL H    H  N N 367 
VAL H2   H  N N 368 
VAL HA   H  N N 369 
VAL HB   H  N N 370 
VAL HG11 H  N N 371 
VAL HG12 H  N N 372 
VAL HG13 H  N N 373 
VAL HG21 H  N N 374 
VAL HG22 H  N N 375 
VAL HG23 H  N N 376 
VAL HXT  H  N N 377 
# 
loop_
_chem_comp_bond.comp_id 
_chem_comp_bond.atom_id_1 
_chem_comp_bond.atom_id_2 
_chem_comp_bond.value_order 
_chem_comp_bond.pdbx_aromatic_flag 
_chem_comp_bond.pdbx_stereo_config 
_chem_comp_bond.pdbx_ordinal 
ALA N   CA   sing N N 1   
ALA N   H    sing N N 2   
ALA N   H2   sing N N 3   
ALA CA  C    sing N N 4   
ALA CA  CB   sing N N 5   
ALA CA  HA   sing N N 6   
ALA C   O    doub N N 7   
ALA C   OXT  sing N N 8   
ALA CB  HB1  sing N N 9   
ALA CB  HB2  sing N N 10  
ALA CB  HB3  sing N N 11  
ALA OXT HXT  sing N N 12  
ARG N   CA   sing N N 13  
ARG N   H    sing N N 14  
ARG N   H2   sing N N 15  
ARG CA  C    sing N N 16  
ARG CA  CB   sing N N 17  
ARG CA  HA   sing N N 18  
ARG C   O    doub N N 19  
ARG C   OXT  sing N N 20  
ARG CB  CG   sing N N 21  
ARG CB  HB2  sing N N 22  
ARG CB  HB3  sing N N 23  
ARG CG  CD   sing N N 24  
ARG CG  HG2  sing N N 25  
ARG CG  HG3  sing N N 26  
ARG CD  NE   sing N N 27  
ARG CD  HD2  sing N N 28  
ARG CD  HD3  sing N N 29  
ARG NE  CZ   sing N N 30  
ARG NE  HE   sing N N 31  
ARG CZ  NH1  sing N N 32  
ARG CZ  NH2  doub N N 33  
ARG NH1 HH11 sing N N 34  
ARG NH1 HH12 sing N N 35  
ARG NH2 HH21 sing N N 36  
ARG NH2 HH22 sing N N 37  
ARG OXT HXT  sing N N 38  
ASN N   CA   sing N N 39  
ASN N   H    sing N N 40  
ASN N   H2   sing N N 41  
ASN CA  C    sing N N 42  
ASN CA  CB   sing N N 43  
ASN CA  HA   sing N N 44  
ASN C   O    doub N N 45  
ASN C   OXT  sing N N 46  
ASN CB  CG   sing N N 47  
ASN CB  HB2  sing N N 48  
ASN CB  HB3  sing N N 49  
ASN CG  OD1  doub N N 50  
ASN CG  ND2  sing N N 51  
ASN ND2 HD21 sing N N 52  
ASN ND2 HD22 sing N N 53  
ASN OXT HXT  sing N N 54  
ASP N   CA   sing N N 55  
ASP N   H    sing N N 56  
ASP N   H2   sing N N 57  
ASP CA  C    sing N N 58  
ASP CA  CB   sing N N 59  
ASP CA  HA   sing N N 60  
ASP C   O    doub N N 61  
ASP C   OXT  sing N N 62  
ASP CB  CG   sing N N 63  
ASP CB  HB2  sing N N 64  
ASP CB  HB3  sing N N 65  
ASP CG  OD1  doub N N 66  
ASP CG  OD2  sing N N 67  
ASP OD2 HD2  sing N N 68  
ASP OXT HXT  sing N N 69  
GLN N   CA   sing N N 70  
GLN N   H    sing N N 71  
GLN N   H2   sing N N 72  
GLN CA  C    sing N N 73  
GLN CA  CB   sing N N 74  
GLN CA  HA   sing N N 75  
GLN C   O    doub N N 76  
GLN C   OXT  sing N N 77  
GLN CB  CG   sing N N 78  
GLN CB  HB2  sing N N 79  
GLN CB  HB3  sing N N 80  
GLN CG  CD   sing N N 81  
GLN CG  HG2  sing N N 82  
GLN CG  HG3  sing N N 83  
GLN CD  OE1  doub N N 84  
GLN CD  NE2  sing N N 85  
GLN NE2 HE21 sing N N 86  
GLN NE2 HE22 sing N N 87  
GLN OXT HXT  sing N N 88  
GLU N   CA   sing N N 89  
GLU N   H    sing N N 90  
GLU N   H2   sing N N 91  
GLU CA  C    sing N N 92  
GLU CA  CB   sing N N 93  
GLU CA  HA   sing N N 94  
GLU C   O    doub N N 95  
GLU C   OXT  sing N N 96  
GLU CB  CG   sing N N 97  
GLU CB  HB2  sing N N 98  
GLU CB  HB3  sing N N 99  
GLU CG  CD   sing N N 100 
GLU CG  HG2  sing N N 101 
GLU CG  HG3  sing N N 102 
GLU CD  OE1  doub N N 103 
GLU CD  OE2  sing N N 104 
GLU OE2 HE2  sing N N 105 
GLU OXT HXT  sing N N 106 
GLY N   CA   sing N N 107 
GLY N   H    sing N N 108 
GLY N   H2   sing N N 109 
GLY CA  C    sing N N 110 
GLY CA  HA2  sing N N 111 
GLY CA  HA3  sing N N 112 
GLY C   O    doub N N 113 
GLY C   OXT  sing N N 114 
GLY OXT HXT  sing N N 115 
HIS N   CA   sing N N 116 
HIS N   H    sing N N 117 
HIS N   H2   sing N N 118 
HIS CA  C    sing N N 119 
HIS CA  CB   sing N N 120 
HIS CA  HA   sing N N 121 
HIS C   O    doub N N 122 
HIS C   OXT  sing N N 123 
HIS CB  CG   sing N N 124 
HIS CB  HB2  sing N N 125 
HIS CB  HB3  sing N N 126 
HIS CG  ND1  sing Y N 127 
HIS CG  CD2  doub Y N 128 
HIS ND1 CE1  doub Y N 129 
HIS ND1 HD1  sing N N 130 
HIS CD2 NE2  sing Y N 131 
HIS CD2 HD2  sing N N 132 
HIS CE1 NE2  sing Y N 133 
HIS CE1 HE1  sing N N 134 
HIS NE2 HE2  sing N N 135 
HIS OXT HXT  sing N N 136 
HOH O   H1   sing N N 137 
HOH O   H2   sing N N 138 
ILE N   CA   sing N N 139 
ILE N   H    sing N N 140 
ILE N   H2   sing N N 141 
ILE CA  C    sing N N 142 
ILE CA  CB   sing N N 143 
ILE CA  HA   sing N N 144 
ILE C   O    doub N N 145 
ILE C   OXT  sing N N 146 
ILE CB  CG1  sing N N 147 
ILE CB  CG2  sing N N 148 
ILE CB  HB   sing N N 149 
ILE CG1 CD1  sing N N 150 
ILE CG1 HG12 sing N N 151 
ILE CG1 HG13 sing N N 152 
ILE CG2 HG21 sing N N 153 
ILE CG2 HG22 sing N N 154 
ILE CG2 HG23 sing N N 155 
ILE CD1 HD11 sing N N 156 
ILE CD1 HD12 sing N N 157 
ILE CD1 HD13 sing N N 158 
ILE OXT HXT  sing N N 159 
LEU N   CA   sing N N 160 
LEU N   H    sing N N 161 
LEU N   H2   sing N N 162 
LEU CA  C    sing N N 163 
LEU CA  CB   sing N N 164 
LEU CA  HA   sing N N 165 
LEU C   O    doub N N 166 
LEU C   OXT  sing N N 167 
LEU CB  CG   sing N N 168 
LEU CB  HB2  sing N N 169 
LEU CB  HB3  sing N N 170 
LEU CG  CD1  sing N N 171 
LEU CG  CD2  sing N N 172 
LEU CG  HG   sing N N 173 
LEU CD1 HD11 sing N N 174 
LEU CD1 HD12 sing N N 175 
LEU CD1 HD13 sing N N 176 
LEU CD2 HD21 sing N N 177 
LEU CD2 HD22 sing N N 178 
LEU CD2 HD23 sing N N 179 
LEU OXT HXT  sing N N 180 
LYS N   CA   sing N N 181 
LYS N   H    sing N N 182 
LYS N   H2   sing N N 183 
LYS CA  C    sing N N 184 
LYS CA  CB   sing N N 185 
LYS CA  HA   sing N N 186 
LYS C   O    doub N N 187 
LYS C   OXT  sing N N 188 
LYS CB  CG   sing N N 189 
LYS CB  HB2  sing N N 190 
LYS CB  HB3  sing N N 191 
LYS CG  CD   sing N N 192 
LYS CG  HG2  sing N N 193 
LYS CG  HG3  sing N N 194 
LYS CD  CE   sing N N 195 
LYS CD  HD2  sing N N 196 
LYS CD  HD3  sing N N 197 
LYS CE  NZ   sing N N 198 
LYS CE  HE2  sing N N 199 
LYS CE  HE3  sing N N 200 
LYS NZ  HZ1  sing N N 201 
LYS NZ  HZ2  sing N N 202 
LYS NZ  HZ3  sing N N 203 
LYS OXT HXT  sing N N 204 
MET N   CA   sing N N 205 
MET N   H    sing N N 206 
MET N   H2   sing N N 207 
MET CA  C    sing N N 208 
MET CA  CB   sing N N 209 
MET CA  HA   sing N N 210 
MET C   O    doub N N 211 
MET C   OXT  sing N N 212 
MET CB  CG   sing N N 213 
MET CB  HB2  sing N N 214 
MET CB  HB3  sing N N 215 
MET CG  SD   sing N N 216 
MET CG  HG2  sing N N 217 
MET CG  HG3  sing N N 218 
MET SD  CE   sing N N 219 
MET CE  HE1  sing N N 220 
MET CE  HE2  sing N N 221 
MET CE  HE3  sing N N 222 
MET OXT HXT  sing N N 223 
PHE N   CA   sing N N 224 
PHE N   H    sing N N 225 
PHE N   H2   sing N N 226 
PHE CA  C    sing N N 227 
PHE CA  CB   sing N N 228 
PHE CA  HA   sing N N 229 
PHE C   O    doub N N 230 
PHE C   OXT  sing N N 231 
PHE CB  CG   sing N N 232 
PHE CB  HB2  sing N N 233 
PHE CB  HB3  sing N N 234 
PHE CG  CD1  doub Y N 235 
PHE CG  CD2  sing Y N 236 
PHE CD1 CE1  sing Y N 237 
PHE CD1 HD1  sing N N 238 
PHE CD2 CE2  doub Y N 239 
PHE CD2 HD2  sing N N 240 
PHE CE1 CZ   doub Y N 241 
PHE CE1 HE1  sing N N 242 
PHE CE2 CZ   sing Y N 243 
PHE CE2 HE2  sing N N 244 
PHE CZ  HZ   sing N N 245 
PHE OXT HXT  sing N N 246 
PRO N   CA   sing N N 247 
PRO N   CD   sing N N 248 
PRO N   H    sing N N 249 
PRO CA  C    sing N N 250 
PRO CA  CB   sing N N 251 
PRO CA  HA   sing N N 252 
PRO C   O    doub N N 253 
PRO C   OXT  sing N N 254 
PRO CB  CG   sing N N 255 
PRO CB  HB2  sing N N 256 
PRO CB  HB3  sing N N 257 
PRO CG  CD   sing N N 258 
PRO CG  HG2  sing N N 259 
PRO CG  HG3  sing N N 260 
PRO CD  HD2  sing N N 261 
PRO CD  HD3  sing N N 262 
PRO OXT HXT  sing N N 263 
SER N   CA   sing N N 264 
SER N   H    sing N N 265 
SER N   H2   sing N N 266 
SER CA  C    sing N N 267 
SER CA  CB   sing N N 268 
SER CA  HA   sing N N 269 
SER C   O    doub N N 270 
SER C   OXT  sing N N 271 
SER CB  OG   sing N N 272 
SER CB  HB2  sing N N 273 
SER CB  HB3  sing N N 274 
SER OG  HG   sing N N 275 
SER OXT HXT  sing N N 276 
THR N   CA   sing N N 277 
THR N   H    sing N N 278 
THR N   H2   sing N N 279 
THR CA  C    sing N N 280 
THR CA  CB   sing N N 281 
THR CA  HA   sing N N 282 
THR C   O    doub N N 283 
THR C   OXT  sing N N 284 
THR CB  OG1  sing N N 285 
THR CB  CG2  sing N N 286 
THR CB  HB   sing N N 287 
THR OG1 HG1  sing N N 288 
THR CG2 HG21 sing N N 289 
THR CG2 HG22 sing N N 290 
THR CG2 HG23 sing N N 291 
THR OXT HXT  sing N N 292 
TRP N   CA   sing N N 293 
TRP N   H    sing N N 294 
TRP N   H2   sing N N 295 
TRP CA  C    sing N N 296 
TRP CA  CB   sing N N 297 
TRP CA  HA   sing N N 298 
TRP C   O    doub N N 299 
TRP C   OXT  sing N N 300 
TRP CB  CG   sing N N 301 
TRP CB  HB2  sing N N 302 
TRP CB  HB3  sing N N 303 
TRP CG  CD1  doub Y N 304 
TRP CG  CD2  sing Y N 305 
TRP CD1 NE1  sing Y N 306 
TRP CD1 HD1  sing N N 307 
TRP CD2 CE2  doub Y N 308 
TRP CD2 CE3  sing Y N 309 
TRP NE1 CE2  sing Y N 310 
TRP NE1 HE1  sing N N 311 
TRP CE2 CZ2  sing Y N 312 
TRP CE3 CZ3  doub Y N 313 
TRP CE3 HE3  sing N N 314 
TRP CZ2 CH2  doub Y N 315 
TRP CZ2 HZ2  sing N N 316 
TRP CZ3 CH2  sing Y N 317 
TRP CZ3 HZ3  sing N N 318 
TRP CH2 HH2  sing N N 319 
TRP OXT HXT  sing N N 320 
TYR N   CA   sing N N 321 
TYR N   H    sing N N 322 
TYR N   H2   sing N N 323 
TYR CA  C    sing N N 324 
TYR CA  CB   sing N N 325 
TYR CA  HA   sing N N 326 
TYR C   O    doub N N 327 
TYR C   OXT  sing N N 328 
TYR CB  CG   sing N N 329 
TYR CB  HB2  sing N N 330 
TYR CB  HB3  sing N N 331 
TYR CG  CD1  doub Y N 332 
TYR CG  CD2  sing Y N 333 
TYR CD1 CE1  sing Y N 334 
TYR CD1 HD1  sing N N 335 
TYR CD2 CE2  doub Y N 336 
TYR CD2 HD2  sing N N 337 
TYR CE1 CZ   doub Y N 338 
TYR CE1 HE1  sing N N 339 
TYR CE2 CZ   sing Y N 340 
TYR CE2 HE2  sing N N 341 
TYR CZ  OH   sing N N 342 
TYR OH  HH   sing N N 343 
TYR OXT HXT  sing N N 344 
VAL N   CA   sing N N 345 
VAL N   H    sing N N 346 
VAL N   H2   sing N N 347 
VAL CA  C    sing N N 348 
VAL CA  CB   sing N N 349 
VAL CA  HA   sing N N 350 
VAL C   O    doub N N 351 
VAL C   OXT  sing N N 352 
VAL CB  CG1  sing N N 353 
VAL CB  CG2  sing N N 354 
VAL CB  HB   sing N N 355 
VAL CG1 HG11 sing N N 356 
VAL CG1 HG12 sing N N 357 
VAL CG1 HG13 sing N N 358 
VAL CG2 HG21 sing N N 359 
VAL CG2 HG22 sing N N 360 
VAL CG2 HG23 sing N N 361 
VAL OXT HXT  sing N N 362 
# 
_atom_sites.entry_id                    4TNO 
_atom_sites.fract_transf_matrix[1][1]   -0.00003453 
_atom_sites.fract_transf_matrix[1][2]   -0.02051792 
_atom_sites.fract_transf_matrix[1][3]   -0.00526221 
_atom_sites.fract_transf_matrix[2][1]   -0.00121448 
_atom_sites.fract_transf_matrix[2][2]   0.00525548 
_atom_sites.fract_transf_matrix[2][3]   -0.02048370 
_atom_sites.fract_transf_matrix[3][1]   0.01213399 
_atom_sites.fract_transf_matrix[3][2]   0.00015396 
_atom_sites.fract_transf_matrix[3][3]   -0.00067992 
_atom_sites.fract_transf_vector[1]      0.182512 
_atom_sites.fract_transf_vector[2]      0.052084 
_atom_sites.fract_transf_vector[3]      0.215526 
# 
loop_
_atom_type.symbol 
C  
CL 
N  
O  
S  
# 
loop_
_atom_site.group_PDB 
_atom_site.id 
_atom_site.type_symbol 
_atom_site.label_atom_id 
_atom_site.label_alt_id 
_atom_site.label_comp_id 
_atom_site.label_asym_id 
_atom_site.label_entity_id 
_atom_site.label_seq_id 
_atom_site.pdbx_PDB_ins_code 
_atom_site.Cartn_x 
_atom_site.Cartn_y 
_atom_site.Cartn_z 
_atom_site.occupancy 
_atom_site.B_iso_or_equiv 
_atom_site.pdbx_formal_charge 
_atom_site.auth_seq_id 
_atom_site.auth_comp_id 
_atom_site.auth_asym_id 
_atom_site.auth_atom_id 
_atom_site.pdbx_PDB_model_num 
ATOM   1   N  N   . MET A 1 1  ? 1.263   -13.504 3.821   1.00 75.68  ? 1   MET A N   1 
ATOM   2   C  CA  . MET A 1 1  ? 1.648   -12.235 4.433   1.00 64.45  ? 1   MET A CA  1 
ATOM   3   C  C   . MET A 1 1  ? 0.469   -11.296 4.551   1.00 57.69  ? 1   MET A C   1 
ATOM   4   O  O   . MET A 1 1  ? -0.525  -11.431 3.848   1.00 63.00  ? 1   MET A O   1 
ATOM   5   C  CB  . MET A 1 1  ? 2.761   -11.557 3.627   1.00 67.32  ? 1   MET A CB  1 
ATOM   6   C  CG  . MET A 1 1  ? 4.134   -12.142 3.871   1.00 71.41  ? 1   MET A CG  1 
ATOM   7   S  SD  . MET A 1 1  ? 4.625   -11.975 5.609   1.00 79.05  ? 1   MET A SD  1 
ATOM   8   C  CE  . MET A 1 1  ? 6.079   -13.023 5.634   1.00 68.56  ? 1   MET A CE  1 
ATOM   9   N  N   . TYR A 1 2  ? 0.583   -10.357 5.476   1.00 56.12  ? 2   TYR A N   1 
ATOM   10  C  CA  . TYR A 1 2  ? -0.278  -9.192  5.529   1.00 53.90  ? 2   TYR A CA  1 
ATOM   11  C  C   . TYR A 1 2  ? 0.668   -8.011  5.388   1.00 53.34  ? 2   TYR A C   1 
ATOM   12  O  O   . TYR A 1 2  ? 1.696   -7.960  6.065   1.00 51.31  ? 2   TYR A O   1 
ATOM   13  C  CB  . TYR A 1 2  ? -1.071  -9.129  6.836   1.00 51.12  ? 2   TYR A CB  1 
ATOM   14  C  CG  . TYR A 1 2  ? -2.042  -7.978  6.940   1.00 45.57  ? 2   TYR A CG  1 
ATOM   15  C  CD1 . TYR A 1 2  ? -1.616  -6.706  7.259   1.00 49.97  ? 2   TYR A CD1 1 
ATOM   16  C  CD2 . TYR A 1 2  ? -3.388  -8.168  6.728   1.00 49.68  ? 2   TYR A CD2 1 
ATOM   17  C  CE1 . TYR A 1 2  ? -2.511  -5.659  7.351   1.00 48.07  ? 2   TYR A CE1 1 
ATOM   18  C  CE2 . TYR A 1 2  ? -4.286  -7.132  6.822   1.00 49.11  ? 2   TYR A CE2 1 
ATOM   19  C  CZ  . TYR A 1 2  ? -3.845  -5.879  7.123   1.00 47.23  ? 2   TYR A CZ  1 
ATOM   20  O  OH  . TYR A 1 2  ? -4.754  -4.847  7.212   1.00 48.31  ? 2   TYR A OH  1 
ATOM   21  N  N   . ILE A 1 3  ? 0.376   -7.086  4.485   1.00 46.95  ? 3   ILE A N   1 
ATOM   22  C  CA  . ILE A 1 3  ? 1.320   -6.003  4.300   1.00 46.06  ? 3   ILE A CA  1 
ATOM   23  C  C   . ILE A 1 3  ? 0.721   -4.632  4.561   1.00 44.98  ? 3   ILE A C   1 
ATOM   24  O  O   . ILE A 1 3  ? -0.492  -4.439  4.475   1.00 42.34  ? 3   ILE A O   1 
ATOM   25  C  CB  . ILE A 1 3  ? 1.948   -6.056  2.898   1.00 45.27  ? 3   ILE A CB  1 
ATOM   26  C  CG1 . ILE A 1 3  ? 0.893   -5.948  1.792   1.00 40.53  ? 3   ILE A CG1 1 
ATOM   27  C  CG2 . ILE A 1 3  ? 2.786   -7.335  2.754   1.00 50.23  ? 3   ILE A CG2 1 
ATOM   28  C  CD1 . ILE A 1 3  ? 1.524   -5.864  0.430   1.00 37.04  ? 3   ILE A CD1 1 
ATOM   29  N  N   . VAL A 1 4  ? 1.582   -3.705  4.972   1.00 47.31  ? 4   VAL A N   1 
ATOM   30  C  CA  . VAL A 1 4  ? 1.228   -2.290  4.945   1.00 45.38  ? 4   VAL A CA  1 
ATOM   31  C  C   . VAL A 1 4  ? 2.221   -1.660  4.001   1.00 37.47  ? 4   VAL A C   1 
ATOM   32  O  O   . VAL A 1 4  ? 3.437   -1.880  4.076   1.00 36.91  ? 4   VAL A O   1 
ATOM   33  C  CB  . VAL A 1 4  ? 1.243   -1.571  6.335   1.00 47.38  ? 4   VAL A CB  1 
ATOM   34  C  CG1 . VAL A 1 4  ? 0.355   -2.284  7.391   1.00 38.14  ? 4   VAL A CG1 1 
ATOM   35  C  CG2 . VAL A 1 4  ? 2.624   -1.386  6.839   1.00 51.06  ? 4   VAL A CG2 1 
ATOM   36  N  N   . VAL A 1 5  ? 1.669   -0.918  3.059   1.00 37.07  ? 5   VAL A N   1 
ATOM   37  C  CA  . VAL A 1 5  ? 2.455   -0.356  1.986   1.00 36.79  ? 5   VAL A CA  1 
ATOM   38  C  C   . VAL A 1 5  ? 2.393   1.146   2.123   1.00 35.02  ? 5   VAL A C   1 
ATOM   39  O  O   . VAL A 1 5  ? 1.312   1.762   2.115   1.00 35.31  ? 5   VAL A O   1 
ATOM   40  C  CB  . VAL A 1 5  ? 1.934   -0.809  0.629   1.00 40.41  ? 5   VAL A CB  1 
ATOM   41  C  CG1 . VAL A 1 5  ? 2.652   -0.059  -0.485  1.00 40.76  ? 5   VAL A CG1 1 
ATOM   42  C  CG2 . VAL A 1 5  ? 2.099   -2.324  0.479   1.00 33.51  ? 5   VAL A CG2 1 
ATOM   43  N  N   . VAL A 1 6  ? 3.547   1.749   2.314   1.00 37.47  ? 6   VAL A N   1 
ATOM   44  C  CA  . VAL A 1 6  ? 3.565   3.198   2.311   1.00 37.49  ? 6   VAL A CA  1 
ATOM   45  C  C   . VAL A 1 6  ? 4.592   3.684   1.299   1.00 41.15  ? 6   VAL A C   1 
ATOM   46  O  O   . VAL A 1 6  ? 5.699   3.164   1.217   1.00 40.89  ? 6   VAL A O   1 
ATOM   47  C  CB  . VAL A 1 6  ? 3.821   3.766   3.723   1.00 37.95  ? 6   VAL A CB  1 
ATOM   48  C  CG1 . VAL A 1 6  ? 5.146   3.299   4.273   1.00 40.79  ? 6   VAL A CG1 1 
ATOM   49  C  CG2 . VAL A 1 6  ? 3.726   5.303   3.688   1.00 46.95  ? 6   VAL A CG2 1 
ATOM   50  N  N   . TYR A 1 7  ? 4.190   4.672   0.506   1.00 41.89  ? 7   TYR A N   1 
ATOM   51  C  CA  . TYR A 1 7  ? 4.997   5.145   -0.613  1.00 43.96  ? 7   TYR A CA  1 
ATOM   52  C  C   . TYR A 1 7  ? 5.112   6.667   -0.676  1.00 44.58  ? 7   TYR A C   1 
ATOM   53  O  O   . TYR A 1 7  ? 4.206   7.407   -0.266  1.00 42.03  ? 7   TYR A O   1 
ATOM   54  C  CB  . TYR A 1 7  ? 4.415   4.637   -1.941  1.00 40.02  ? 7   TYR A CB  1 
ATOM   55  C  CG  . TYR A 1 7  ? 2.996   5.081   -2.186  1.00 43.11  ? 7   TYR A CG  1 
ATOM   56  C  CD1 . TYR A 1 7  ? 1.917   4.326   -1.722  1.00 42.25  ? 7   TYR A CD1 1 
ATOM   57  C  CD2 . TYR A 1 7  ? 2.723   6.256   -2.881  1.00 43.82  ? 7   TYR A CD2 1 
ATOM   58  C  CE1 . TYR A 1 7  ? 0.601   4.733   -1.937  1.00 36.35  ? 7   TYR A CE1 1 
ATOM   59  C  CE2 . TYR A 1 7  ? 1.419   6.664   -3.108  1.00 43.17  ? 7   TYR A CE2 1 
ATOM   60  C  CZ  . TYR A 1 7  ? 0.360   5.893   -2.644  1.00 44.10  ? 7   TYR A CZ  1 
ATOM   61  O  OH  . TYR A 1 7  ? -0.940  6.304   -2.863  1.00 45.05  ? 7   TYR A OH  1 
ATOM   62  N  N   . ASP A 1 8  ? 6.244   7.122   -1.201  1.00 50.59  ? 8   ASP A N   1 
ATOM   63  C  CA  . ASP A 1 8  ? 6.446   8.537   -1.539  1.00 52.72  ? 8   ASP A CA  1 
ATOM   64  C  C   . ASP A 1 8  ? 6.708   8.639   -3.043  1.00 52.84  ? 8   ASP A C   1 
ATOM   65  O  O   . ASP A 1 8  ? 7.807   8.339   -3.493  1.00 52.85  ? 8   ASP A O   1 
ATOM   66  C  CB  . ASP A 1 8  ? 7.619   9.109   -0.739  1.00 52.86  ? 8   ASP A CB  1 
ATOM   67  C  CG  . ASP A 1 8  ? 7.873   10.587  -1.016  1.00 50.76  ? 8   ASP A CG  1 
ATOM   68  O  OD1 . ASP A 1 8  ? 6.915   11.398  -1.056  1.00 59.02  ? 8   ASP A OD1 1 
ATOM   69  O  OD2 . ASP A 1 8  ? 9.051   10.941  -1.162  1.00 49.85  ? 8   ASP A OD2 1 
ATOM   70  N  N   . VAL A 1 9  ? 5.703   9.028   -3.821  1.00 57.68  ? 9   VAL A N   1 
ATOM   71  C  CA  . VAL A 1 9  ? 5.847   8.998   -5.281  1.00 62.92  ? 9   VAL A CA  1 
ATOM   72  C  C   . VAL A 1 9  ? 5.509   10.339  -5.961  1.00 65.01  ? 9   VAL A C   1 
ATOM   73  O  O   . VAL A 1 9  ? 4.560   11.026  -5.576  1.00 65.52  ? 9   VAL A O   1 
ATOM   74  C  CB  . VAL A 1 9  ? 4.987   7.851   -5.877  1.00 61.90  ? 9   VAL A CB  1 
ATOM   75  C  CG1 . VAL A 1 9  ? 4.698   8.071   -7.343  1.00 69.06  ? 9   VAL A CG1 1 
ATOM   76  C  CG2 . VAL A 1 9  ? 5.685   6.523   -5.682  1.00 55.35  ? 9   VAL A CG2 1 
ATOM   77  N  N   . GLY A 1 10 ? 6.317   10.721  -6.955  1.00 68.20  ? 10  GLY A N   1 
ATOM   78  C  CA  . GLY A 1 10 ? 6.106   11.956  -7.703  1.00 68.47  ? 10  GLY A CA  1 
ATOM   79  C  C   . GLY A 1 10 ? 4.765   12.024  -8.428  1.00 72.75  ? 10  GLY A C   1 
ATOM   80  O  O   . GLY A 1 10 ? 4.196   10.988  -8.778  1.00 68.08  ? 10  GLY A O   1 
ATOM   81  N  N   . VAL A 1 11 ? 4.281   13.248  -8.673  1.00 78.63  ? 11  VAL A N   1 
ATOM   82  C  CA  . VAL A 1 11 ? 2.931   13.510  -9.206  1.00 75.07  ? 11  VAL A CA  1 
ATOM   83  C  C   . VAL A 1 11 ? 2.673   12.819  -10.548 1.00 77.35  ? 11  VAL A C   1 
ATOM   84  O  O   . VAL A 1 11 ? 1.528   12.554  -10.920 1.00 73.94  ? 11  VAL A O   1 
ATOM   85  C  CB  . VAL A 1 11 ? 2.686   15.046  -9.329  1.00 79.97  ? 11  VAL A CB  1 
ATOM   86  C  CG1 . VAL A 1 11 ? 1.299   15.363  -9.878  1.00 82.96  ? 11  VAL A CG1 1 
ATOM   87  C  CG2 . VAL A 1 11 ? 2.849   15.711  -7.964  1.00 79.97  ? 11  VAL A CG2 1 
ATOM   88  N  N   . GLU A 1 12 ? 3.750   12.490  -11.251 1.00 78.04  ? 12  GLU A N   1 
ATOM   89  C  CA  . GLU A 1 12 ? 3.648   11.832  -12.546 1.00 79.43  ? 12  GLU A CA  1 
ATOM   90  C  C   . GLU A 1 12 ? 3.314   10.342  -12.449 1.00 76.64  ? 12  GLU A C   1 
ATOM   91  O  O   . GLU A 1 12 ? 2.856   9.752   -13.424 1.00 74.91  ? 12  GLU A O   1 
ATOM   92  C  CB  . GLU A 1 12 ? 4.952   12.028  -13.328 1.00 83.35  ? 12  GLU A CB  1 
ATOM   93  C  CG  . GLU A 1 12 ? 4.775   12.367  -14.816 1.00 84.57  ? 12  GLU A CG  1 
ATOM   94  C  CD  . GLU A 1 12 ? 4.426   13.844  -15.061 1.00 83.57  ? 12  GLU A CD  1 
ATOM   95  O  OE1 . GLU A 1 12 ? 4.976   14.729  -14.356 1.00 84.15  ? 12  GLU A OE1 1 
ATOM   96  O  OE2 . GLU A 1 12 ? 3.572   14.111  -15.936 1.00 82.89  ? 12  GLU A OE2 1 
ATOM   97  N  N   . ARG A 1 13 ? 3.521   9.736   -11.284 1.00 73.03  ? 13  ARG A N   1 
ATOM   98  C  CA  . ARG A 1 13 ? 3.168   8.328   -11.115 1.00 75.12  ? 13  ARG A CA  1 
ATOM   99  C  C   . ARG A 1 13 ? 2.221   8.074   -9.933  1.00 70.35  ? 13  ARG A C   1 
ATOM   100 O  O   . ARG A 1 13 ? 1.669   6.982   -9.816  1.00 64.24  ? 13  ARG A O   1 
ATOM   101 C  CB  . ARG A 1 13 ? 4.437   7.478   -10.959 1.00 73.11  ? 13  ARG A CB  1 
ATOM   102 C  CG  . ARG A 1 13 ? 5.354   7.498   -12.175 1.00 77.36  ? 13  ARG A CG  1 
ATOM   103 C  CD  . ARG A 1 13 ? 6.773   7.039   -11.858 1.00 76.92  ? 13  ARG A CD  1 
ATOM   104 N  NE  . ARG A 1 13 ? 7.375   7.788   -10.762 1.00 78.49  ? 13  ARG A NE  1 
ATOM   105 C  CZ  . ARG A 1 13 ? 8.033   8.935   -10.908 1.00 80.72  ? 13  ARG A CZ  1 
ATOM   106 N  NH1 . ARG A 1 13 ? 8.173   9.478   -12.112 1.00 83.83  ? 13  ARG A NH1 1 
ATOM   107 N  NH2 . ARG A 1 13 ? 8.546   9.545   -9.848  1.00 77.83  ? 13  ARG A NH2 1 
ATOM   108 N  N   . VAL A 1 14 ? 2.021   9.080   -9.081  1.00 67.57  ? 14  VAL A N   1 
ATOM   109 C  CA  . VAL A 1 14 ? 1.219   8.915   -7.864  1.00 68.12  ? 14  VAL A CA  1 
ATOM   110 C  C   . VAL A 1 14 ? -0.218  8.471   -8.138  1.00 68.29  ? 14  VAL A C   1 
ATOM   111 O  O   . VAL A 1 14 ? -0.813  7.777   -7.318  1.00 68.29  ? 14  VAL A O   1 
ATOM   112 C  CB  . VAL A 1 14 ? 1.171   10.220  -7.021  1.00 68.63  ? 14  VAL A CB  1 
ATOM   113 C  CG1 . VAL A 1 14 ? 0.116   11.169  -7.554  1.00 72.82  ? 14  VAL A CG1 1 
ATOM   114 C  CG2 . VAL A 1 14 ? 0.876   9.908   -5.559  1.00 63.60  ? 14  VAL A CG2 1 
ATOM   115 N  N   . ASN A 1 15 ? -0.789  8.854   -9.276  1.00 67.76  ? 15  ASN A N   1 
ATOM   116 C  CA  . ASN A 1 15 ? -2.163  8.455   -9.549  1.00 69.25  ? 15  ASN A CA  1 
ATOM   117 C  C   . ASN A 1 15 ? -2.203  7.003   -9.980  1.00 62.71  ? 15  ASN A C   1 
ATOM   118 O  O   . ASN A 1 15 ? -3.197  6.312   -9.782  1.00 64.16  ? 15  ASN A O   1 
ATOM   119 C  CB  . ASN A 1 15 ? -2.805  9.337   -10.616 1.00 70.98  ? 15  ASN A CB  1 
ATOM   120 C  CG  . ASN A 1 15 ? -4.220  8.902   -10.944 1.00 71.89  ? 15  ASN A CG  1 
ATOM   121 O  OD1 . ASN A 1 15 ? -5.150  9.165   -10.179 1.00 73.78  ? 15  ASN A OD1 1 
ATOM   122 N  ND2 . ASN A 1 15 ? -4.391  8.218   -12.082 1.00 69.14  ? 15  ASN A ND2 1 
ATOM   123 N  N   . LYS A 1 16 ? -1.099  6.539   -10.547 1.00 61.25  ? 16  LYS A N   1 
ATOM   124 C  CA  . LYS A 1 16 ? -1.027  5.173   -11.041 1.00 64.21  ? 16  LYS A CA  1 
ATOM   125 C  C   . LYS A 1 16 ? -0.874  4.176   -9.891  1.00 60.42  ? 16  LYS A C   1 
ATOM   126 O  O   . LYS A 1 16 ? -1.488  3.108   -9.914  1.00 55.85  ? 16  LYS A O   1 
ATOM   127 C  CB  . LYS A 1 16 ? 0.136   5.023   -12.029 1.00 63.61  ? 16  LYS A CB  1 
ATOM   128 C  CG  . LYS A 1 16 ? -0.198  4.275   -13.318 1.00 68.60  ? 16  LYS A CG  1 
ATOM   129 C  CD  . LYS A 1 16 ? 0.956   4.395   -14.310 1.00 77.93  ? 16  LYS A CD  1 
ATOM   130 C  CE  . LYS A 1 16 ? 1.584   5.788   -14.246 1.00 78.71  ? 16  LYS A CE  1 
ATOM   131 N  NZ  . LYS A 1 16 ? 2.934   5.889   -14.876 1.00 83.24  ? 16  LYS A NZ  1 
ATOM   132 N  N   . VAL A 1 17 ? -0.045  4.510   -8.898  1.00 59.33  ? 17  VAL A N   1 
ATOM   133 C  CA  . VAL A 1 17 ? 0.193   3.591   -7.783  1.00 57.41  ? 17  VAL A CA  1 
ATOM   134 C  C   . VAL A 1 17 ? -1.082  3.414   -6.977  1.00 52.35  ? 17  VAL A C   1 
ATOM   135 O  O   . VAL A 1 17 ? -1.416  2.292   -6.552  1.00 48.07  ? 17  VAL A O   1 
ATOM   136 C  CB  . VAL A 1 17 ? 1.343   4.065   -6.853  1.00 58.03  ? 17  VAL A CB  1 
ATOM   137 C  CG1 . VAL A 1 17 ? 2.685   3.967   -7.573  1.00 53.79  ? 17  VAL A CG1 1 
ATOM   138 C  CG2 . VAL A 1 17 ? 1.112   5.472   -6.390  1.00 58.38  ? 17  VAL A CG2 1 
ATOM   139 N  N   . LYS A 1 18 ? -1.804  4.516   -6.798  1.00 48.97  ? 18  LYS A N   1 
ATOM   140 C  CA  . LYS A 1 18 ? -3.040  4.498   -6.039  1.00 48.95  ? 18  LYS A CA  1 
ATOM   141 C  C   . LYS A 1 18 ? -4.056  3.555   -6.696  1.00 50.33  ? 18  LYS A C   1 
ATOM   142 O  O   . LYS A 1 18 ? -4.603  2.668   -6.045  1.00 41.59  ? 18  LYS A O   1 
ATOM   143 C  CB  . LYS A 1 18 ? -3.589  5.922   -5.910  1.00 43.77  ? 18  LYS A CB  1 
ATOM   144 C  CG  . LYS A 1 18 ? -4.847  6.077   -5.050  1.00 54.12  ? 18  LYS A CG  1 
ATOM   145 C  CD  . LYS A 1 18 ? -5.330  7.565   -4.908  1.00 61.07  ? 18  LYS A CD  1 
ATOM   146 C  CE  . LYS A 1 18 ? -6.609  7.689   -4.042  1.00 59.50  ? 18  LYS A CE  1 
ATOM   147 N  NZ  . LYS A 1 18 ? -7.181  9.079   -3.948  1.00 69.85  ? 18  LYS A NZ  1 
ATOM   148 N  N   . LYS A 1 19 ? -4.282  3.733   -7.996  1.00 53.65  ? 19  LYS A N   1 
ATOM   149 C  CA  . LYS A 1 19 ? -5.259  2.919   -8.718  1.00 48.75  ? 19  LYS A CA  1 
ATOM   150 C  C   . LYS A 1 19 ? -4.857  1.451   -8.700  1.00 48.60  ? 19  LYS A C   1 
ATOM   151 O  O   . LYS A 1 19 ? -5.708  0.566   -8.655  1.00 46.56  ? 19  LYS A O   1 
ATOM   152 C  CB  . LYS A 1 19 ? -5.412  3.405   -10.161 1.00 51.42  ? 19  LYS A CB  1 
ATOM   153 C  CG  . LYS A 1 19 ? -6.409  4.566   -10.354 1.00 63.49  ? 19  LYS A CG  1 
ATOM   154 C  CD  . LYS A 1 19 ? -6.763  5.258   -9.026  1.00 64.65  ? 19  LYS A CD  1 
ATOM   155 C  CE  . LYS A 1 19 ? -7.245  6.701   -9.223  1.00 72.31  ? 19  LYS A CE  1 
ATOM   156 N  NZ  . LYS A 1 19 ? -7.426  7.401   -7.913  1.00 67.37  ? 19  LYS A NZ  1 
ATOM   157 N  N   . PHE A 1 20 ? -3.557  1.195   -8.724  1.00 45.46  ? 20  PHE A N   1 
ATOM   158 C  CA  . PHE A 1 20 ? -3.059  -0.169  -8.728  1.00 48.12  ? 20  PHE A CA  1 
ATOM   159 C  C   . PHE A 1 20 ? -3.202  -0.786  -7.358  1.00 53.10  ? 20  PHE A C   1 
ATOM   160 O  O   . PHE A 1 20 ? -3.685  -1.916  -7.214  1.00 53.79  ? 20  PHE A O   1 
ATOM   161 C  CB  . PHE A 1 20 ? -1.598  -0.207  -9.179  1.00 53.85  ? 20  PHE A CB  1 
ATOM   162 C  CG  . PHE A 1 20 ? -0.934  -1.547  -9.007  1.00 50.92  ? 20  PHE A CG  1 
ATOM   163 C  CD1 . PHE A 1 20 ? -1.208  -2.590  -9.872  1.00 58.63  ? 20  PHE A CD1 1 
ATOM   164 C  CD2 . PHE A 1 20 ? -0.007  -1.748  -7.994  1.00 54.88  ? 20  PHE A CD2 1 
ATOM   165 C  CE1 . PHE A 1 20 ? -0.589  -3.822  -9.722  1.00 61.23  ? 20  PHE A CE1 1 
ATOM   166 C  CE2 . PHE A 1 20 ? 0.620   -2.969  -7.831  1.00 62.33  ? 20  PHE A CE2 1 
ATOM   167 C  CZ  . PHE A 1 20 ? 0.330   -4.015  -8.699  1.00 65.21  ? 20  PHE A CZ  1 
ATOM   168 N  N   . LEU A 1 21 ? -2.766  -0.058  -6.338  1.00 50.80  ? 21  LEU A N   1 
ATOM   169 C  CA  . LEU A 1 21 ? -2.805  -0.628  -4.993  1.00 47.94  ? 21  LEU A CA  1 
ATOM   170 C  C   . LEU A 1 21 ? -4.247  -0.822  -4.574  1.00 46.70  ? 21  LEU A C   1 
ATOM   171 O  O   . LEU A 1 21 ? -4.567  -1.752  -3.852  1.00 44.59  ? 21  LEU A O   1 
ATOM   172 C  CB  . LEU A 1 21 ? -2.059  0.261   -3.989  1.00 42.51  ? 21  LEU A CB  1 
ATOM   173 C  CG  . LEU A 1 21 ? -0.552  0.339   -4.214  1.00 42.73  ? 21  LEU A CG  1 
ATOM   174 C  CD1 . LEU A 1 21 ? 0.123   1.151   -3.148  1.00 41.69  ? 21  LEU A CD1 1 
ATOM   175 C  CD2 . LEU A 1 21 ? 0.048   -1.064  -4.277  1.00 42.25  ? 21  LEU A CD2 1 
ATOM   176 N  N   . ARG A 1 22 ? -5.138  0.031   -5.063  1.00 47.32  ? 22  ARG A N   1 
ATOM   177 C  CA  . ARG A 1 22 ? -6.504  -0.063  -4.591  1.00 48.60  ? 22  ARG A CA  1 
ATOM   178 C  C   . ARG A 1 22 ? -7.205  -1.357  -5.085  1.00 49.94  ? 22  ARG A C   1 
ATOM   179 O  O   . ARG A 1 22 ? -8.214  -1.768  -4.504  1.00 46.21  ? 22  ARG A O   1 
ATOM   180 C  CB  . ARG A 1 22 ? -7.285  1.170   -4.976  1.00 44.65  ? 22  ARG A CB  1 
ATOM   181 C  CG  . ARG A 1 22 ? -8.622  1.237   -4.284  1.00 61.67  ? 22  ARG A CG  1 
ATOM   182 C  CD  . ARG A 1 22 ? -9.290  2.592   -4.494  1.00 56.73  ? 22  ARG A CD  1 
ATOM   183 N  NE  . ARG A 1 22 ? -9.282  2.924   -5.909  1.00 68.18  ? 22  ARG A NE  1 
ATOM   184 C  CZ  . ARG A 1 22 ? -10.191 2.508   -6.792  1.00 65.82  ? 22  ARG A CZ  1 
ATOM   185 N  NH1 . ARG A 1 22 ? -11.228 1.756   -6.407  1.00 63.03  ? 22  ARG A NH1 1 
ATOM   186 N  NH2 . ARG A 1 22 ? -10.061 2.861   -8.067  1.00 64.77  ? 22  ARG A NH2 1 
ATOM   187 N  N   . MET A 1 23 ? -6.615  -2.050  -6.060  1.00 46.64  ? 23  MET A N   1 
ATOM   188 C  CA  . MET A 1 23 ? -7.160  -3.328  -6.514  1.00 53.57  ? 23  MET A CA  1 
ATOM   189 C  C   . MET A 1 23 ? -6.511  -4.561  -5.879  1.00 59.22  ? 23  MET A C   1 
ATOM   190 O  O   . MET A 1 23 ? -6.822  -5.696  -6.250  1.00 54.98  ? 23  MET A O   1 
ATOM   191 C  CB  . MET A 1 23 ? -7.032  -3.422  -8.011  1.00 49.63  ? 23  MET A CB  1 
ATOM   192 C  CG  . MET A 1 23 ? -8.031  -2.563  -8.734  1.00 64.24  ? 23  MET A CG  1 
ATOM   193 S  SD  . MET A 1 23 ? -7.544  -2.543  -10.433 1.00 65.90  ? 23  MET A SD  1 
ATOM   194 C  CE  . MET A 1 23 ? -7.343  -4.302  -10.676 1.00 102.01 ? 23  MET A CE  1 
ATOM   195 N  N   . HIS A 1 24 ? -5.615  -4.326  -4.927  1.00 55.03  ? 24  HIS A N   1 
ATOM   196 C  CA  . HIS A 1 24 ? -5.001  -5.392  -4.152  1.00 50.75  ? 24  HIS A CA  1 
ATOM   197 C  C   . HIS A 1 24 ? -5.172  -5.193  -2.646  1.00 48.53  ? 24  HIS A C   1 
ATOM   198 O  O   . HIS A 1 24 ? -5.203  -6.154  -1.882  1.00 54.67  ? 24  HIS A O   1 
ATOM   199 C  CB  . HIS A 1 24 ? -3.522  -5.472  -4.460  1.00 50.63  ? 24  HIS A CB  1 
ATOM   200 C  CG  . HIS A 1 24 ? -3.215  -5.914  -5.859  1.00 55.93  ? 24  HIS A CG  1 
ATOM   201 N  ND1 . HIS A 1 24 ? -3.133  -7.241  -6.198  1.00 60.17  ? 24  HIS A ND1 1 
ATOM   202 C  CD2 . HIS A 1 24 ? -2.959  -5.205  -6.972  1.00 56.89  ? 24  HIS A CD2 1 
ATOM   203 C  CE1 . HIS A 1 24 ? -2.835  -7.336  -7.492  1.00 61.47  ? 24  HIS A CE1 1 
ATOM   204 N  NE2 . HIS A 1 24 ? -2.728  -6.112  -7.980  1.00 61.47  ? 24  HIS A NE2 1 
ATOM   205 N  N   . LEU A 1 25 ? -5.235  -3.936  -2.226  1.00 47.47  ? 25  LEU A N   1 
ATOM   206 C  CA  . LEU A 1 25 ? -5.114  -3.580  -0.817  1.00 48.52  ? 25  LEU A CA  1 
ATOM   207 C  C   . LEU A 1 25 ? -6.095  -2.492  -0.447  1.00 51.04  ? 25  LEU A C   1 
ATOM   208 O  O   . LEU A 1 25 ? -6.636  -1.791  -1.321  1.00 54.78  ? 25  LEU A O   1 
ATOM   209 C  CB  . LEU A 1 25 ? -3.692  -3.104  -0.501  1.00 41.73  ? 25  LEU A CB  1 
ATOM   210 C  CG  . LEU A 1 25 ? -2.538  -4.043  -0.833  1.00 47.58  ? 25  LEU A CG  1 
ATOM   211 C  CD1 . LEU A 1 25 ? -1.202  -3.321  -0.682  1.00 39.83  ? 25  LEU A CD1 1 
ATOM   212 C  CD2 . LEU A 1 25 ? -2.590  -5.282  0.070   1.00 44.02  ? 25  LEU A CD2 1 
ATOM   213 N  N   . ASN A 1 26 ? -6.310  -2.344  0.853   1.00 46.54  ? 26  ASN A N   1 
ATOM   214 C  CA  . ASN A 1 26 ? -7.201  -1.341  1.389   1.00 44.22  ? 26  ASN A CA  1 
ATOM   215 C  C   . ASN A 1 26 ? -6.485  -0.017  1.582   1.00 49.32  ? 26  ASN A C   1 
ATOM   216 O  O   . ASN A 1 26 ? -5.369  0.027   2.108   1.00 47.12  ? 26  ASN A O   1 
ATOM   217 C  CB  . ASN A 1 26 ? -7.790  -1.810  2.729   1.00 53.14  ? 26  ASN A CB  1 
ATOM   218 C  CG  . ASN A 1 26 ? -8.895  -2.845  2.564   1.00 56.83  ? 26  ASN A CG  1 
ATOM   219 O  OD1 . ASN A 1 26 ? -8.640  -4.058  2.601   1.00 56.94  ? 26  ASN A OD1 1 
ATOM   220 N  ND2 . ASN A 1 26 ? -10.131 -2.375  2.391   1.00 61.07  ? 26  ASN A ND2 1 
ATOM   221 N  N   . TRP A 1 27 ? -7.144  1.064   1.184   1.00 48.75  ? 27  TRP A N   1 
ATOM   222 C  CA  . TRP A 1 27 ? -6.601  2.398   1.337   1.00 46.62  ? 27  TRP A CA  1 
ATOM   223 C  C   . TRP A 1 27 ? -6.994  2.896   2.717   1.00 47.97  ? 27  TRP A C   1 
ATOM   224 O  O   . TRP A 1 27 ? -8.174  2.897   3.033   1.00 54.21  ? 27  TRP A O   1 
ATOM   225 C  CB  . TRP A 1 27 ? -7.145  3.325   0.243   1.00 47.66  ? 27  TRP A CB  1 
ATOM   226 C  CG  . TRP A 1 27 ? -6.577  4.715   0.280   1.00 45.76  ? 27  TRP A CG  1 
ATOM   227 C  CD1 . TRP A 1 27 ? -5.484  5.180   -0.392  1.00 50.76  ? 27  TRP A CD1 1 
ATOM   228 C  CD2 . TRP A 1 27 ? -7.083  5.816   1.044   1.00 53.97  ? 27  TRP A CD2 1 
ATOM   229 N  NE1 . TRP A 1 27 ? -5.278  6.505   -0.100  1.00 50.69  ? 27  TRP A NE1 1 
ATOM   230 C  CE2 . TRP A 1 27 ? -6.235  6.918   0.766   1.00 52.36  ? 27  TRP A CE2 1 
ATOM   231 C  CE3 . TRP A 1 27 ? -8.152  5.983   1.914   1.00 55.98  ? 27  TRP A CE3 1 
ATOM   232 C  CZ2 . TRP A 1 27 ? -6.458  8.168   1.355   1.00 55.22  ? 27  TRP A CZ2 1 
ATOM   233 C  CZ3 . TRP A 1 27 ? -8.357  7.218   2.488   1.00 55.90  ? 27  TRP A CZ3 1 
ATOM   234 C  CH2 . TRP A 1 27 ? -7.514  8.296   2.208   1.00 54.35  ? 27  TRP A CH2 1 
ATOM   235 N  N   . VAL A 1 28 ? -6.039  3.321   3.543   1.00 46.15  ? 28  VAL A N   1 
ATOM   236 C  CA  . VAL A 1 28 ? -6.411  3.774   4.890   1.00 50.74  ? 28  VAL A CA  1 
ATOM   237 C  C   . VAL A 1 28 ? -5.960  5.185   5.258   1.00 49.03  ? 28  VAL A C   1 
ATOM   238 O  O   . VAL A 1 28 ? -6.458  5.769   6.218   1.00 56.04  ? 28  VAL A O   1 
ATOM   239 C  CB  . VAL A 1 28 ? -5.873  2.814   5.956   1.00 46.67  ? 28  VAL A CB  1 
ATOM   240 C  CG1 . VAL A 1 28 ? -6.610  1.492   5.873   1.00 45.36  ? 28  VAL A CG1 1 
ATOM   241 C  CG2 . VAL A 1 28 ? -4.376  2.632   5.789   1.00 42.59  ? 28  VAL A CG2 1 
ATOM   242 N  N   . GLN A 1 29 ? -4.997  5.717   4.519   1.00 50.42  ? 29  GLN A N   1 
ATOM   243 C  CA  . GLN A 1 29 ? -4.532  7.084   4.710   1.00 42.50  ? 29  GLN A CA  1 
ATOM   244 C  C   . GLN A 1 29 ? -3.873  7.449   3.414   1.00 46.12  ? 29  GLN A C   1 
ATOM   245 O  O   . GLN A 1 29 ? -3.552  6.562   2.618   1.00 49.75  ? 29  GLN A O   1 
ATOM   246 C  CB  . GLN A 1 29 ? -3.547  7.206   5.883   1.00 48.31  ? 29  GLN A CB  1 
ATOM   247 C  CG  . GLN A 1 29 ? -3.136  8.638   6.257   1.00 46.35  ? 29  GLN A CG  1 
ATOM   248 C  CD  . GLN A 1 29 ? -2.240  8.706   7.526   1.00 51.49  ? 29  GLN A CD  1 
ATOM   249 O  OE1 . GLN A 1 29 ? -2.740  8.701   8.652   1.00 47.40  ? 29  GLN A OE1 1 
ATOM   250 N  NE2 . GLN A 1 29 ? -0.923  8.776   7.329   1.00 41.40  ? 29  GLN A NE2 1 
ATOM   251 N  N   . ASN A 1 30 ? -3.678  8.735   3.166   1.00 43.72  ? 30  ASN A N   1 
ATOM   252 C  CA  . ASN A 1 30 ? -2.927  9.121   1.990   1.00 46.43  ? 30  ASN A CA  1 
ATOM   253 C  C   . ASN A 1 30 ? -1.530  8.492   1.983   1.00 46.66  ? 30  ASN A C   1 
ATOM   254 O  O   . ASN A 1 30 ? -0.793  8.587   2.967   1.00 45.34  ? 30  ASN A O   1 
ATOM   255 C  CB  . ASN A 1 30 ? -2.810  10.632  1.909   1.00 52.16  ? 30  ASN A CB  1 
ATOM   256 C  CG  . ASN A 1 30 ? -2.008  11.073  0.717   1.00 55.70  ? 30  ASN A CG  1 
ATOM   257 O  OD1 . ASN A 1 30 ? -0.772  11.063  0.755   1.00 53.17  ? 30  ASN A OD1 1 
ATOM   258 N  ND2 . ASN A 1 30 ? -2.700  11.439  -0.367  1.00 51.53  ? 30  ASN A ND2 1 
ATOM   259 N  N   . SER A 1 31 ? -1.184  7.866   0.862   1.00 44.69  ? 31  SER A N   1 
ATOM   260 C  CA  . SER A 1 31 ? 0.073   7.153   0.687   1.00 45.61  ? 31  SER A CA  1 
ATOM   261 C  C   . SER A 1 31 ? 0.185   5.849   1.496   1.00 36.00  ? 31  SER A C   1 
ATOM   262 O  O   . SER A 1 31 ? 1.269   5.332   1.593   1.00 36.86  ? 31  SER A O   1 
ATOM   263 C  CB  . SER A 1 31 ? 1.271   8.041   1.077   1.00 49.84  ? 31  SER A CB  1 
ATOM   264 O  OG  . SER A 1 31 ? 1.061   9.399   0.739   1.00 58.80  ? 31  SER A OG  1 
ATOM   265 N  N   . VAL A 1 32 ? -0.892  5.332   2.090   1.00 40.70  ? 32  VAL A N   1 
ATOM   266 C  CA  . VAL A 1 32 ? -0.786  4.094   2.888   1.00 33.52  ? 32  VAL A CA  1 
ATOM   267 C  C   . VAL A 1 32 ? -1.864  3.055   2.567   1.00 37.27  ? 32  VAL A C   1 
ATOM   268 O  O   . VAL A 1 32 ? -3.068  3.333   2.632   1.00 36.61  ? 32  VAL A O   1 
ATOM   269 C  CB  . VAL A 1 32 ? -0.854  4.373   4.396   1.00 42.72  ? 32  VAL A CB  1 
ATOM   270 C  CG1 . VAL A 1 32 ? -0.821  3.034   5.188   1.00 33.66  ? 32  VAL A CG1 1 
ATOM   271 C  CG2 . VAL A 1 32 ? 0.260   5.307   4.822   1.00 36.23  ? 32  VAL A CG2 1 
ATOM   272 N  N   . PHE A 1 33 ? -1.414  1.849   2.241   1.00 30.33  ? 33  PHE A N   1 
ATOM   273 C  CA  . PHE A 1 33 ? -2.317  0.744   1.956   1.00 37.75  ? 33  PHE A CA  1 
ATOM   274 C  C   . PHE A 1 33 ? -2.000  -0.500  2.787   1.00 40.95  ? 33  PHE A C   1 
ATOM   275 O  O   . PHE A 1 33 ? -0.837  -0.795  3.056   1.00 37.28  ? 33  PHE A O   1 
ATOM   276 C  CB  . PHE A 1 33 ? -2.253  0.346   0.467   1.00 43.41  ? 33  PHE A CB  1 
ATOM   277 C  CG  . PHE A 1 33 ? -2.926  1.329   -0.474  1.00 39.37  ? 33  PHE A CG  1 
ATOM   278 C  CD1 . PHE A 1 33 ? -2.287  2.500   -0.855  1.00 44.05  ? 33  PHE A CD1 1 
ATOM   279 C  CD2 . PHE A 1 33 ? -4.180  1.062   -0.990  1.00 44.31  ? 33  PHE A CD2 1 
ATOM   280 C  CE1 . PHE A 1 33 ? -2.881  3.402   -1.736  1.00 39.11  ? 33  PHE A CE1 1 
ATOM   281 C  CE2 . PHE A 1 33 ? -4.786  1.961   -1.879  1.00 48.26  ? 33  PHE A CE2 1 
ATOM   282 C  CZ  . PHE A 1 33 ? -4.126  3.127   -2.251  1.00 45.57  ? 33  PHE A CZ  1 
ATOM   283 N  N   . GLU A 1 34 ? -3.027  -1.272  3.119   1.00 38.70  ? 34  GLU A N   1 
ATOM   284 C  CA  . GLU A 1 34 ? -2.783  -2.532  3.802   1.00 49.17  ? 34  GLU A CA  1 
ATOM   285 C  C   . GLU A 1 34 ? -3.819  -3.589  3.451   1.00 48.02  ? 34  GLU A C   1 
ATOM   286 O  O   . GLU A 1 34 ? -4.969  -3.266  3.131   1.00 45.80  ? 34  GLU A O   1 
ATOM   287 C  CB  . GLU A 1 34 ? -2.761  -2.327  5.317   1.00 33.80  ? 34  GLU A CB  1 
ATOM   288 C  CG  . GLU A 1 34 ? -4.012  -1.678  5.863   1.00 39.52  ? 34  GLU A CG  1 
ATOM   289 C  CD  . GLU A 1 34 ? -4.013  -1.616  7.405   1.00 49.73  ? 34  GLU A CD  1 
ATOM   290 O  OE1 . GLU A 1 34 ? -4.040  -0.505  7.981   1.00 41.83  ? 34  GLU A OE1 1 
ATOM   291 O  OE2 . GLU A 1 34 ? -3.983  -2.690  8.046   1.00 49.98  ? 34  GLU A OE2 1 
ATOM   292 N  N   . GLY A 1 35 ? -3.394  -4.847  3.526   1.00 48.53  ? 35  GLY A N   1 
ATOM   293 C  CA  . GLY A 1 35 ? -4.310  -5.975  3.441   1.00 47.89  ? 35  GLY A CA  1 
ATOM   294 C  C   . GLY A 1 35 ? -3.605  -7.307  3.371   1.00 48.33  ? 35  GLY A C   1 
ATOM   295 O  O   . GLY A 1 35 ? -2.380  -7.373  3.442   1.00 48.05  ? 35  GLY A O   1 
ATOM   296 N  N   . GLU A 1 36 ? -4.378  -8.380  3.228   1.00 54.76  ? 36  GLU A N   1 
ATOM   297 C  CA  . GLU A 1 36 ? -3.812  -9.713  3.117   1.00 47.90  ? 36  GLU A CA  1 
ATOM   298 C  C   . GLU A 1 36 ? -3.473  -9.980  1.665   1.00 55.07  ? 36  GLU A C   1 
ATOM   299 O  O   . GLU A 1 36 ? -4.209  -9.584  0.769   1.00 57.93  ? 36  GLU A O   1 
ATOM   300 C  CB  . GLU A 1 36 ? -4.791  -10.760 3.657   1.00 55.66  ? 36  GLU A CB  1 
ATOM   301 C  CG  . GLU A 1 36 ? -5.820  -10.187 4.636   1.00 56.06  ? 36  GLU A CG  1 
ATOM   302 C  CD  . GLU A 1 36 ? -6.735  -11.240 5.265   1.00 63.93  ? 36  GLU A CD  1 
ATOM   303 O  OE1 . GLU A 1 36 ? -7.957  -11.216 4.990   1.00 71.79  ? 36  GLU A OE1 1 
ATOM   304 O  OE2 . GLU A 1 36 ? -6.239  -12.079 6.050   1.00 62.87  ? 36  GLU A OE2 1 
ATOM   305 N  N   . VAL A 1 37 ? -2.336  -10.609 1.417   1.00 55.65  ? 37  VAL A N   1 
ATOM   306 C  CA  . VAL A 1 37 ? -1.993  -11.015 0.066   1.00 62.39  ? 37  VAL A CA  1 
ATOM   307 C  C   . VAL A 1 37 ? -1.365  -12.391 0.091   1.00 65.82  ? 37  VAL A C   1 
ATOM   308 O  O   . VAL A 1 37 ? -1.083  -12.931 1.152   1.00 65.98  ? 37  VAL A O   1 
ATOM   309 C  CB  . VAL A 1 37 ? -1.008  -10.037 -0.629  1.00 65.56  ? 37  VAL A CB  1 
ATOM   310 C  CG1 . VAL A 1 37 ? -1.451  -8.596  -0.439  1.00 55.84  ? 37  VAL A CG1 1 
ATOM   311 C  CG2 . VAL A 1 37 ? 0.423   -10.247 -0.137  1.00 62.19  ? 37  VAL A CG2 1 
ATOM   312 N  N   . THR A 1 38 ? -1.148  -12.949 -1.092  1.00 66.51  ? 38  THR A N   1 
ATOM   313 C  CA  . THR A 1 38 ? -0.439  -14.208 -1.225  1.00 69.74  ? 38  THR A CA  1 
ATOM   314 C  C   . THR A 1 38 ? 0.845   -13.917 -1.977  1.00 71.88  ? 38  THR A C   1 
ATOM   315 O  O   . THR A 1 38 ? 1.029   -12.807 -2.463  1.00 71.89  ? 38  THR A O   1 
ATOM   316 C  CB  . THR A 1 38 ? -1.273  -15.259 -1.974  1.00 72.57  ? 38  THR A CB  1 
ATOM   317 O  OG1 . THR A 1 38 ? -1.243  -14.985 -3.383  1.00 74.12  ? 38  THR A OG1 1 
ATOM   318 C  CG2 . THR A 1 38 ? -2.711  -15.234 -1.484  1.00 68.91  ? 38  THR A CG2 1 
ATOM   319 N  N   . LEU A 1 39 ? 1.719   -14.909 -2.087  1.00 69.28  ? 39  LEU A N   1 
ATOM   320 C  CA  . LEU A 1 39 ? 3.039   -14.699 -2.670  1.00 73.46  ? 39  LEU A CA  1 
ATOM   321 C  C   . LEU A 1 39 ? 2.912   -14.392 -4.144  1.00 76.96  ? 39  LEU A C   1 
ATOM   322 O  O   . LEU A 1 39 ? 3.793   -13.763 -4.742  1.00 76.54  ? 39  LEU A O   1 
ATOM   323 C  CB  . LEU A 1 39 ? 3.928   -15.926 -2.457  1.00 80.12  ? 39  LEU A CB  1 
ATOM   324 C  CG  . LEU A 1 39 ? 5.413   -15.811 -2.810  1.00 79.67  ? 39  LEU A CG  1 
ATOM   325 C  CD1 . LEU A 1 39 ? 6.072   -14.711 -2.006  1.00 73.76  ? 39  LEU A CD1 1 
ATOM   326 C  CD2 . LEU A 1 39 ? 6.110   -17.137 -2.566  1.00 81.36  ? 39  LEU A CD2 1 
ATOM   327 N  N   . ALA A 1 40 ? 1.810   -14.861 -4.723  1.00 80.59  ? 40  ALA A N   1 
ATOM   328 C  CA  . ALA A 1 40 ? 1.431   -14.492 -6.079  1.00 84.68  ? 40  ALA A CA  1 
ATOM   329 C  C   . ALA A 1 40 ? 1.148   -12.998 -6.087  1.00 77.93  ? 40  ALA A C   1 
ATOM   330 O  O   . ALA A 1 40 ? 1.924   -12.219 -6.639  1.00 80.04  ? 40  ALA A O   1 
ATOM   331 C  CB  . ALA A 1 40 ? 0.209   -15.287 -6.555  1.00 82.27  ? 40  ALA A CB  1 
ATOM   332 N  N   . GLU A 1 41 ? 0.061   -12.608 -5.427  1.00 73.72  ? 41  GLU A N   1 
ATOM   333 C  CA  . GLU A 1 41 ? -0.318  -11.203 -5.306  1.00 73.82  ? 41  GLU A CA  1 
ATOM   334 C  C   . GLU A 1 41 ? 0.848   -10.320 -4.854  1.00 74.84  ? 41  GLU A C   1 
ATOM   335 O  O   . GLU A 1 41 ? 1.045   -9.223  -5.379  1.00 72.24  ? 41  GLU A O   1 
ATOM   336 C  CB  . GLU A 1 41 ? -1.491  -11.074 -4.338  1.00 68.99  ? 41  GLU A CB  1 
ATOM   337 C  CG  . GLU A 1 41 ? -2.396  -12.286 -4.370  1.00 70.16  ? 41  GLU A CG  1 
ATOM   338 C  CD  . GLU A 1 41 ? -3.751  -12.048 -3.729  1.00 68.95  ? 41  GLU A CD  1 
ATOM   339 O  OE1 . GLU A 1 41 ? -3.816  -11.860 -2.495  1.00 66.80  ? 41  GLU A OE1 1 
ATOM   340 O  OE2 . GLU A 1 41 ? -4.762  -12.060 -4.463  1.00 74.24  ? 41  GLU A OE2 1 
ATOM   341 N  N   . PHE A 1 42 ? 1.625   -10.826 -3.899  1.00 76.14  ? 42  PHE A N   1 
ATOM   342 C  CA  . PHE A 1 42 ? 2.763   -10.108 -3.326  1.00 73.30  ? 42  PHE A CA  1 
ATOM   343 C  C   . PHE A 1 42 ? 3.757   -9.677  -4.396  1.00 77.49  ? 42  PHE A C   1 
ATOM   344 O  O   . PHE A 1 42 ? 4.018   -8.479  -4.563  1.00 78.00  ? 42  PHE A O   1 
ATOM   345 C  CB  . PHE A 1 42 ? 3.461   -10.979 -2.281  1.00 70.91  ? 42  PHE A CB  1 
ATOM   346 C  CG  . PHE A 1 42 ? 4.534   -10.270 -1.493  1.00 75.43  ? 42  PHE A CG  1 
ATOM   347 C  CD1 . PHE A 1 42 ? 4.696   -8.896  -1.566  1.00 74.11  ? 42  PHE A CD1 1 
ATOM   348 C  CD2 . PHE A 1 42 ? 5.378   -10.993 -0.660  1.00 74.78  ? 42  PHE A CD2 1 
ATOM   349 C  CE1 . PHE A 1 42 ? 5.686   -8.257  -0.835  1.00 70.64  ? 42  PHE A CE1 1 
ATOM   350 C  CE2 . PHE A 1 42 ? 6.366   -10.361 0.072   1.00 76.68  ? 42  PHE A CE2 1 
ATOM   351 C  CZ  . PHE A 1 42 ? 6.517   -8.987  -0.018  1.00 72.22  ? 42  PHE A CZ  1 
ATOM   352 N  N   . GLU A 1 43 ? 4.330   -10.638 -5.117  1.00 78.20  ? 43  GLU A N   1 
ATOM   353 C  CA  . GLU A 1 43 ? 5.332   -10.265 -6.109  1.00 75.69  ? 43  GLU A CA  1 
ATOM   354 C  C   . GLU A 1 43 ? 4.654   -9.685  -7.343  1.00 77.96  ? 43  GLU A C   1 
ATOM   355 O  O   . GLU A 1 43 ? 5.292   -8.948  -8.113  1.00 77.85  ? 43  GLU A O   1 
ATOM   356 C  CB  . GLU A 1 43 ? 6.244   -11.440 -6.465  1.00 81.20  ? 43  GLU A CB  1 
ATOM   357 C  CG  . GLU A 1 43 ? 7.718   -11.064 -6.370  1.00 85.73  ? 43  GLU A CG  1 
ATOM   358 C  CD  . GLU A 1 43 ? 8.603   -12.176 -5.826  1.00 94.25  ? 43  GLU A CD  1 
ATOM   359 O  OE1 . GLU A 1 43 ? 9.129   -12.961 -6.648  1.00 93.95  ? 43  GLU A OE1 1 
ATOM   360 O  OE2 . GLU A 1 43 ? 8.766   -12.263 -4.581  1.00 93.88  ? 43  GLU A OE2 1 
ATOM   361 N  N   . ARG A 1 44 ? 3.353   -9.950  -7.494  1.00 74.27  ? 44  ARG A N   1 
ATOM   362 C  CA  . ARG A 1 44 ? 2.565   -9.226  -8.486  1.00 76.33  ? 44  ARG A CA  1 
ATOM   363 C  C   . ARG A 1 44 ? 2.508   -7.749  -8.073  1.00 73.99  ? 44  ARG A C   1 
ATOM   364 O  O   . ARG A 1 44 ? 2.825   -6.852  -8.863  1.00 73.61  ? 44  ARG A O   1 
ATOM   365 C  CB  . ARG A 1 44 ? 1.148   -9.805  -8.632  1.00 78.28  ? 44  ARG A CB  1 
ATOM   366 C  CG  . ARG A 1 44 ? 1.021   -11.250 -9.202  1.00 84.04  ? 44  ARG A CG  1 
ATOM   367 C  CD  . ARG A 1 44 ? 2.217   -11.693 -10.054 1.00 85.99  ? 44  ARG A CD  1 
ATOM   368 N  NE  . ARG A 1 44 ? 2.155   -13.113 -10.422 1.00 92.62  ? 44  ARG A NE  1 
ATOM   369 C  CZ  . ARG A 1 44 ? 1.454   -13.607 -11.446 1.00 97.10  ? 44  ARG A CZ  1 
ATOM   370 N  NH1 . ARG A 1 44 ? 0.739   -12.801 -12.221 1.00 88.86  ? 44  ARG A NH1 1 
ATOM   371 N  NH2 . ARG A 1 44 ? 1.468   -14.914 -11.700 1.00 94.12  ? 44  ARG A NH2 1 
ATOM   372 N  N   . ILE A 1 45 ? 2.099   -7.504  -6.833  1.00 72.76  ? 45  ILE A N   1 
ATOM   373 C  CA  . ILE A 1 45 ? 2.068   -6.157  -6.283  1.00 66.84  ? 45  ILE A CA  1 
ATOM   374 C  C   . ILE A 1 45 ? 3.433   -5.512  -6.413  1.00 67.09  ? 45  ILE A C   1 
ATOM   375 O  O   . ILE A 1 45 ? 3.575   -4.399  -6.924  1.00 66.56  ? 45  ILE A O   1 
ATOM   376 C  CB  . ILE A 1 45 ? 1.645   -6.172  -4.798  1.00 66.29  ? 45  ILE A CB  1 
ATOM   377 C  CG1 . ILE A 1 45 ? 0.128   -6.305  -4.678  1.00 62.56  ? 45  ILE A CG1 1 
ATOM   378 C  CG2 . ILE A 1 45 ? 2.072   -4.903  -4.094  1.00 64.30  ? 45  ILE A CG2 1 
ATOM   379 C  CD1 . ILE A 1 45 ? -0.331  -6.771  -3.333  1.00 58.98  ? 45  ILE A CD1 1 
ATOM   380 N  N   . LYS A 1 46 ? 4.442   -6.252  -5.972  1.00 70.21  ? 46  LYS A N   1 
ATOM   381 C  CA  . LYS A 1 46 ? 5.800   -5.734  -5.827  1.00 70.82  ? 46  LYS A CA  1 
ATOM   382 C  C   . LYS A 1 46 ? 6.463   -5.362  -7.151  1.00 73.88  ? 46  LYS A C   1 
ATOM   383 O  O   . LYS A 1 46 ? 6.956   -4.241  -7.291  1.00 74.90  ? 46  LYS A O   1 
ATOM   384 C  CB  . LYS A 1 46 ? 6.665   -6.742  -5.083  1.00 72.74  ? 46  LYS A CB  1 
ATOM   385 C  CG  . LYS A 1 46 ? 8.150   -6.598  -5.344  1.00 77.20  ? 46  LYS A CG  1 
ATOM   386 C  CD  . LYS A 1 46 ? 8.931   -7.786  -4.786  1.00 74.13  ? 46  LYS A CD  1 
ATOM   387 C  CE  . LYS A 1 46 ? 10.333  -7.354  -4.427  1.00 81.24  ? 46  LYS A CE  1 
ATOM   388 N  NZ  . LYS A 1 46 ? 11.367  -8.417  -4.577  1.00 83.29  ? 46  LYS A NZ  1 
ATOM   389 N  N   . GLU A 1 47 ? 6.482   -6.274  -8.120  1.00 78.16  ? 47  GLU A N   1 
ATOM   390 C  CA  . GLU A 1 47 ? 7.029   -5.888  -9.405  1.00 76.57  ? 47  GLU A CA  1 
ATOM   391 C  C   . GLU A 1 47 ? 6.096   -4.894  -10.047 1.00 77.21  ? 47  GLU A C   1 
ATOM   392 O  O   . GLU A 1 47 ? 6.547   -3.859  -10.528 1.00 81.49  ? 47  GLU A O   1 
ATOM   393 C  CB  . GLU A 1 47 ? 7.259   -7.079  -10.320 1.00 81.85  ? 47  GLU A CB  1 
ATOM   394 C  CG  . GLU A 1 47 ? 7.776   -6.629  -11.686 1.00 86.66  ? 47  GLU A CG  1 
ATOM   395 C  CD  . GLU A 1 47 ? 9.212   -7.040  -11.949 1.00 95.67  ? 47  GLU A CD  1 
ATOM   396 O  OE1 . GLU A 1 47 ? 9.651   -8.079  -11.403 1.00 99.77  ? 47  GLU A OE1 1 
ATOM   397 O  OE2 . GLU A 1 47 ? 9.908   -6.298  -12.679 1.00 95.82  ? 47  GLU A OE2 1 
ATOM   398 N  N   . GLY A 1 48 ? 4.799   -5.194  -10.000 1.00 74.19  ? 48  GLY A N   1 
ATOM   399 C  CA  . GLY A 1 48 ? 3.766   -4.283  -10.458 1.00 72.51  ? 48  GLY A CA  1 
ATOM   400 C  C   . GLY A 1 48 ? 4.051   -2.856  -10.033 1.00 74.49  ? 48  GLY A C   1 
ATOM   401 O  O   . GLY A 1 48 ? 3.822   -1.922  -10.788 1.00 73.66  ? 48  GLY A O   1 
ATOM   402 N  N   . LEU A 1 49 ? 4.595   -2.693  -8.832  1.00 73.50  ? 49  LEU A N   1 
ATOM   403 C  CA  . LEU A 1 49 ? 4.961   -1.376  -8.339  1.00 67.65  ? 49  LEU A CA  1 
ATOM   404 C  C   . LEU A 1 49 ? 6.284   -0.878  -8.909  1.00 71.14  ? 49  LEU A C   1 
ATOM   405 O  O   . LEU A 1 49 ? 6.460   0.318   -9.115  1.00 69.99  ? 49  LEU A O   1 
ATOM   406 C  CB  . LEU A 1 49 ? 5.035   -1.397  -6.814  1.00 72.53  ? 49  LEU A CB  1 
ATOM   407 C  CG  . LEU A 1 49 ? 3.737   -1.182  -6.030  1.00 63.09  ? 49  LEU A CG  1 
ATOM   408 C  CD1 . LEU A 1 49 ? 3.964   -1.459  -4.548  1.00 52.71  ? 49  LEU A CD1 1 
ATOM   409 C  CD2 . LEU A 1 49 ? 3.255   0.220   -6.226  1.00 50.48  ? 49  LEU A CD2 1 
ATOM   410 N  N   . LYS A 1 50 ? 7.225   -1.786  -9.158  1.00 76.13  ? 50  LYS A N   1 
ATOM   411 C  CA  . LYS A 1 50 ? 8.525   -1.375  -9.723  1.00 76.67  ? 50  LYS A CA  1 
ATOM   412 C  C   . LYS A 1 50 ? 8.387   -0.842  -11.159 1.00 81.17  ? 50  LYS A C   1 
ATOM   413 O  O   . LYS A 1 50 ? 9.013   0.178   -11.510 1.00 77.95  ? 50  LYS A O   1 
ATOM   414 C  CB  . LYS A 1 50 ? 9.542   -2.517  -9.694  1.00 78.81  ? 50  LYS A CB  1 
ATOM   415 C  CG  . LYS A 1 50 ? 10.451  -2.545  -10.926 1.00 86.01  ? 50  LYS A CG  1 
ATOM   416 C  CD  . LYS A 1 50 ? 11.849  -3.060  -10.627 1.00 89.84  ? 50  LYS A CD  1 
ATOM   417 C  CE  . LYS A 1 50 ? 12.814  -2.756  -11.794 1.00 87.92  ? 50  LYS A CE  1 
ATOM   418 N  NZ  . LYS A 1 50 ? 12.218  -2.995  -13.151 1.00 81.38  ? 50  LYS A NZ  1 
ATOM   419 N  N   . LYS A 1 51 ? 7.545   -1.502  -11.960 1.00 80.94  ? 51  LYS A N   1 
ATOM   420 C  CA  . LYS A 1 51 ? 7.273   -1.044  -13.320 1.00 79.38  ? 51  LYS A CA  1 
ATOM   421 C  C   . LYS A 1 51 ? 6.757   0.381   -13.285 1.00 79.03  ? 51  LYS A C   1 
ATOM   422 O  O   . LYS A 1 51 ? 7.184   1.225   -14.072 1.00 80.19  ? 51  LYS A O   1 
ATOM   423 C  CB  . LYS A 1 51 ? 6.248   -1.937  -14.025 1.00 77.52  ? 51  LYS A CB  1 
ATOM   424 C  CG  . LYS A 1 51 ? 6.024   -3.334  -13.433 1.00 77.00  ? 51  LYS A CG  1 
ATOM   425 C  CD  . LYS A 1 51 ? 4.855   -4.025  -14.130 1.00 76.64  ? 51  LYS A CD  1 
ATOM   426 C  CE  . LYS A 1 51 ? 4.722   -5.500  -13.752 1.00 85.17  ? 51  LYS A CE  1 
ATOM   427 N  NZ  . LYS A 1 51 ? 5.791   -6.399  -14.281 1.00 83.53  ? 51  LYS A NZ  1 
ATOM   428 N  N   . ILE A 1 52 ? 5.843   0.638   -12.353 1.00 76.47  ? 52  ILE A N   1 
ATOM   429 C  CA  . ILE A 1 52 ? 5.236   1.950   -12.219 1.00 75.29  ? 52  ILE A CA  1 
ATOM   430 C  C   . ILE A 1 52 ? 6.247   2.993   -11.781 1.00 77.76  ? 52  ILE A C   1 
ATOM   431 O  O   . ILE A 1 52 ? 6.122   4.165   -12.124 1.00 79.98  ? 52  ILE A O   1 
ATOM   432 C  CB  . ILE A 1 52 ? 4.079   1.928   -11.214 1.00 71.48  ? 52  ILE A CB  1 
ATOM   433 C  CG1 . ILE A 1 52 ? 3.092   0.835   -11.584 1.00 74.30  ? 52  ILE A CG1 1 
ATOM   434 C  CG2 . ILE A 1 52 ? 3.353   3.262   -11.192 1.00 72.22  ? 52  ILE A CG2 1 
ATOM   435 C  CD1 . ILE A 1 52 ? 2.574   0.960   -12.999 1.00 81.69  ? 52  ILE A CD1 1 
ATOM   436 N  N   . ILE A 1 53 ? 7.267   2.556   -11.048 1.00 79.05  ? 53  ILE A N   1 
ATOM   437 C  CA  . ILE A 1 53 ? 8.046   3.480   -10.228 1.00 79.38  ? 53  ILE A CA  1 
ATOM   438 C  C   . ILE A 1 53 ? 9.435   3.819   -10.746 1.00 79.18  ? 53  ILE A C   1 
ATOM   439 O  O   . ILE A 1 53 ? 10.167  2.962   -11.247 1.00 82.63  ? 53  ILE A O   1 
ATOM   440 C  CB  . ILE A 1 53 ? 8.158   2.919   -8.798  1.00 76.63  ? 53  ILE A CB  1 
ATOM   441 C  CG1 . ILE A 1 53 ? 6.949   3.385   -8.001  1.00 76.02  ? 53  ILE A CG1 1 
ATOM   442 C  CG2 . ILE A 1 53 ? 9.447   3.333   -8.114  1.00 78.38  ? 53  ILE A CG2 1 
ATOM   443 C  CD1 . ILE A 1 53 ? 7.000   3.014   -6.591  1.00 74.42  ? 53  ILE A CD1 1 
ATOM   444 N  N   . ASP A 1 54 ? 9.772   5.099   -10.619 1.00 81.03  ? 54  ASP A N   1 
ATOM   445 C  CA  . ASP A 1 54 ? 11.108  5.597   -10.909 1.00 83.82  ? 54  ASP A CA  1 
ATOM   446 C  C   . ASP A 1 54 ? 11.993  5.389   -9.680  1.00 82.68  ? 54  ASP A C   1 
ATOM   447 O  O   . ASP A 1 54 ? 11.946  6.166   -8.737  1.00 81.18  ? 54  ASP A O   1 
ATOM   448 C  CB  . ASP A 1 54 ? 11.049  7.075   -11.296 1.00 81.95  ? 54  ASP A CB  1 
ATOM   449 C  CG  . ASP A 1 54 ? 12.374  7.599   -11.793 1.00 83.97  ? 54  ASP A CG  1 
ATOM   450 O  OD1 . ASP A 1 54 ? 13.041  6.876   -12.569 1.00 82.95  ? 54  ASP A OD1 1 
ATOM   451 O  OD2 . ASP A 1 54 ? 12.748  8.727   -11.396 1.00 81.76  ? 54  ASP A OD2 1 
ATOM   452 N  N   . GLU A 1 55 ? 12.799  4.334   -9.695  1.00 80.95  ? 55  GLU A N   1 
ATOM   453 C  CA  . GLU A 1 55 ? 13.533  3.886   -8.506  1.00 85.28  ? 55  GLU A CA  1 
ATOM   454 C  C   . GLU A 1 55 ? 14.830  4.626   -8.269  1.00 87.91  ? 55  GLU A C   1 
ATOM   455 O  O   . GLU A 1 55 ? 15.893  4.019   -8.182  1.00 91.66  ? 55  GLU A O   1 
ATOM   456 C  CB  . GLU A 1 55 ? 13.837  2.399   -8.626  1.00 81.42  ? 55  GLU A CB  1 
ATOM   457 C  CG  . GLU A 1 55 ? 12.770  1.563   -9.299  1.00 86.76  ? 55  GLU A CG  1 
ATOM   458 C  CD  . GLU A 1 55 ? 13.075  0.084   -9.192  1.00 88.86  ? 55  GLU A CD  1 
ATOM   459 O  OE1 . GLU A 1 55 ? 13.666  -0.451  -10.148 1.00 92.20  ? 55  GLU A OE1 1 
ATOM   460 O  OE2 . GLU A 1 55 ? 12.716  -0.530  -8.160  1.00 85.30  ? 55  GLU A OE2 1 
ATOM   461 N  N   . ASN A 1 56 ? 14.711  5.930   -8.085  1.00 84.97  ? 56  ASN A N   1 
ATOM   462 C  CA  . ASN A 1 56 ? 15.771  6.866   -8.427  1.00 86.90  ? 56  ASN A CA  1 
ATOM   463 C  C   . ASN A 1 56 ? 15.277  8.238   -8.032  1.00 85.06  ? 56  ASN A C   1 
ATOM   464 O  O   . ASN A 1 56 ? 16.036  9.193   -7.941  1.00 82.51  ? 56  ASN A O   1 
ATOM   465 C  CB  . ASN A 1 56 ? 16.101  6.708   -9.921  1.00 90.90  ? 56  ASN A CB  1 
ATOM   466 C  CG  . ASN A 1 56 ? 17.440  6.039   -10.200 1.00 92.81  ? 56  ASN A CG  1 
ATOM   467 O  OD1 . ASN A 1 56 ? 17.531  4.846   -10.540 1.00 92.46  ? 56  ASN A OD1 1 
ATOM   468 N  ND2 . ASN A 1 56 ? 18.436  6.933   -10.400 1.00 88.92  ? 56  ASN A ND2 1 
ATOM   469 N  N   . SER A 1 57 ? 13.975  8.284   -7.761  1.00 87.87  ? 57  SER A N   1 
ATOM   470 C  CA  . SER A 1 57 ? 13.297  9.441   -7.179  1.00 84.73  ? 57  SER A CA  1 
ATOM   471 C  C   . SER A 1 57 ? 12.151  9.022   -6.240  1.00 80.89  ? 57  SER A C   1 
ATOM   472 O  O   . SER A 1 57 ? 11.551  9.874   -5.576  1.00 76.12  ? 57  SER A O   1 
ATOM   473 C  CB  . SER A 1 57 ? 12.744  10.366  -8.277  1.00 80.98  ? 57  SER A CB  1 
ATOM   474 O  OG  . SER A 1 57 ? 11.770  11.283  -7.776  1.00 82.15  ? 57  SER A OG  1 
ATOM   475 N  N   . ASP A 1 58 ? 11.867  7.717   -6.168  1.00 77.01  ? 58  ASP A N   1 
ATOM   476 C  CA  . ASP A 1 58 ? 10.695  7.198   -5.452  1.00 72.01  ? 58  ASP A CA  1 
ATOM   477 C  C   . ASP A 1 58 ? 10.993  6.092   -4.431  1.00 71.79  ? 58  ASP A C   1 
ATOM   478 O  O   . ASP A 1 58 ? 11.931  5.308   -4.600  1.00 71.69  ? 58  ASP A O   1 
ATOM   479 C  CB  . ASP A 1 58 ? 9.677   6.645   -6.448  1.00 70.48  ? 58  ASP A CB  1 
ATOM   480 C  CG  . ASP A 1 58 ? 9.024   7.722   -7.307  1.00 74.81  ? 58  ASP A CG  1 
ATOM   481 O  OD1 . ASP A 1 58 ? 9.010   8.911   -6.914  1.00 72.93  ? 58  ASP A OD1 1 
ATOM   482 O  OD2 . ASP A 1 58 ? 8.505   7.354   -8.381  1.00 73.45  ? 58  ASP A OD2 1 
ATOM   483 N  N   . SER A 1 59 ? 10.136  5.985   -3.417  1.00 64.68  ? 59  SER A N   1 
ATOM   484 C  CA  . SER A 1 59 ? 10.320  5.007   -2.341  1.00 63.30  ? 59  SER A CA  1 
ATOM   485 C  C   . SER A 1 59 ? 9.041   4.270   -1.923  1.00 52.67  ? 59  SER A C   1 
ATOM   486 O  O   . SER A 1 59 ? 7.992   4.876   -1.715  1.00 52.68  ? 59  SER A O   1 
ATOM   487 C  CB  . SER A 1 59 ? 10.912  5.703   -1.114  1.00 61.03  ? 59  SER A CB  1 
ATOM   488 O  OG  . SER A 1 59 ? 12.194  6.235   -1.408  1.00 70.26  ? 59  SER A OG  1 
ATOM   489 N  N   . VAL A 1 60 ? 9.145   2.959   -1.784  1.00 51.55  ? 60  VAL A N   1 
ATOM   490 C  CA  . VAL A 1 60 ? 8.056   2.163   -1.247  1.00 47.98  ? 60  VAL A CA  1 
ATOM   491 C  C   . VAL A 1 60 ? 8.613   1.320   -0.122  1.00 52.95  ? 60  VAL A C   1 
ATOM   492 O  O   . VAL A 1 60 ? 9.630   0.645   -0.301  1.00 55.67  ? 60  VAL A O   1 
ATOM   493 C  CB  . VAL A 1 60 ? 7.431   1.256   -2.319  1.00 51.54  ? 60  VAL A CB  1 
ATOM   494 C  CG1 . VAL A 1 60 ? 6.321   0.403   -1.739  1.00 46.02  ? 60  VAL A CG1 1 
ATOM   495 C  CG2 . VAL A 1 60 ? 6.902   2.090   -3.431  1.00 46.33  ? 60  VAL A CG2 1 
ATOM   496 N  N   . ILE A 1 61 ? 7.997   1.403   1.052   1.00 43.07  ? 61  ILE A N   1 
ATOM   497 C  CA  . ILE A 1 61 ? 8.270   0.423   2.078   1.00 45.24  ? 61  ILE A CA  1 
ATOM   498 C  C   . ILE A 1 61 ? 7.061   -0.468  2.162   1.00 42.00  ? 61  ILE A C   1 
ATOM   499 O  O   . ILE A 1 61 ? 5.924   -0.006  2.315   1.00 39.28  ? 61  ILE A O   1 
ATOM   500 C  CB  . ILE A 1 61 ? 8.544   1.028   3.447   1.00 44.17  ? 61  ILE A CB  1 
ATOM   501 C  CG1 . ILE A 1 61 ? 9.747   1.963   3.375   1.00 49.53  ? 61  ILE A CG1 1 
ATOM   502 C  CG2 . ILE A 1 61 ? 8.796   -0.080  4.463   1.00 41.19  ? 61  ILE A CG2 1 
ATOM   503 C  CD1 . ILE A 1 61 ? 10.029  2.697   4.698   1.00 50.20  ? 61  ILE A CD1 1 
ATOM   504 N  N   . ILE A 1 62 ? 7.313   -1.756  2.025   1.00 45.13  ? 62  ILE A N   1 
ATOM   505 C  CA  . ILE A 1 62 ? 6.287   -2.744  2.268   1.00 42.93  ? 62  ILE A CA  1 
ATOM   506 C  C   . ILE A 1 62 ? 6.629   -3.484  3.525   1.00 45.93  ? 62  ILE A C   1 
ATOM   507 O  O   . ILE A 1 62 ? 7.575   -4.264  3.554   1.00 49.99  ? 62  ILE A O   1 
ATOM   508 C  CB  . ILE A 1 62 ? 6.173   -3.737  1.150   1.00 45.15  ? 62  ILE A CB  1 
ATOM   509 C  CG1 . ILE A 1 62 ? 6.090   -3.017  -0.194  1.00 45.08  ? 62  ILE A CG1 1 
ATOM   510 C  CG2 . ILE A 1 62 ? 4.965   -4.626  1.387   1.00 46.87  ? 62  ILE A CG2 1 
ATOM   511 C  CD1 . ILE A 1 62 ? 5.916   -3.966  -1.328  1.00 56.07  ? 62  ILE A CD1 1 
ATOM   512 N  N   . TYR A 1 63 ? 5.867   -3.256  4.567   1.00 40.40  ? 63  TYR A N   1 
ATOM   513 C  CA  . TYR A 1 63 ? 6.153   -3.974  5.778   1.00 43.30  ? 63  TYR A CA  1 
ATOM   514 C  C   . TYR A 1 63 ? 5.520   -5.353  5.649   1.00 49.35  ? 63  TYR A C   1 
ATOM   515 O  O   . TYR A 1 63 ? 4.342   -5.464  5.312   1.00 46.63  ? 63  TYR A O   1 
ATOM   516 C  CB  . TYR A 1 63 ? 5.624   -3.234  6.996   1.00 41.24  ? 63  TYR A CB  1 
ATOM   517 C  CG  . TYR A 1 63 ? 6.319   -1.911  7.339   1.00 46.93  ? 63  TYR A CG  1 
ATOM   518 C  CD1 . TYR A 1 63 ? 7.467   -1.882  8.134   1.00 40.29  ? 63  TYR A CD1 1 
ATOM   519 C  CD2 . TYR A 1 63 ? 5.801   -0.688  6.905   1.00 43.04  ? 63  TYR A CD2 1 
ATOM   520 C  CE1 . TYR A 1 63 ? 8.094   -0.673  8.464   1.00 45.61  ? 63  TYR A CE1 1 
ATOM   521 C  CE2 . TYR A 1 63 ? 6.414   0.513   7.232   1.00 44.46  ? 63  TYR A CE2 1 
ATOM   522 C  CZ  . TYR A 1 63 ? 7.551   0.518   8.003   1.00 38.17  ? 63  TYR A CZ  1 
ATOM   523 O  OH  . TYR A 1 63 ? 8.125   1.707   8.312   1.00 44.60  ? 63  TYR A OH  1 
ATOM   524 N  N   . LYS A 1 64 ? 6.302   -6.396  5.918   1.00 49.56  ? 64  LYS A N   1 
ATOM   525 C  CA  . LYS A 1 64 ? 5.824   -7.787  5.806   1.00 50.97  ? 64  LYS A CA  1 
ATOM   526 C  C   . LYS A 1 64 ? 5.454   -8.381  7.161   1.00 53.33  ? 64  LYS A C   1 
ATOM   527 O  O   . LYS A 1 64 ? 6.312   -8.797  7.928   1.00 56.43  ? 64  LYS A O   1 
ATOM   528 C  CB  . LYS A 1 64 ? 6.885   -8.630  5.121   1.00 48.54  ? 64  LYS A CB  1 
ATOM   529 C  CG  . LYS A 1 64 ? 7.295   -8.036  3.809   1.00 50.66  ? 64  LYS A CG  1 
ATOM   530 C  CD  . LYS A 1 64 ? 8.702   -8.455  3.446   1.00 63.27  ? 64  LYS A CD  1 
ATOM   531 C  CE  . LYS A 1 64 ? 8.724   -9.691  2.551   1.00 69.13  ? 64  LYS A CE  1 
ATOM   532 N  NZ  . LYS A 1 64 ? 9.278   -9.378  1.209   1.00 65.66  ? 64  LYS A NZ  1 
ATOM   533 N  N   . LEU A 1 65 ? 4.166   -8.400  7.464   1.00 56.14  ? 65  LEU A N   1 
ATOM   534 C  CA  . LEU A 1 65 ? 3.697   -8.821  8.770   1.00 50.13  ? 65  LEU A CA  1 
ATOM   535 C  C   . LEU A 1 65 ? 3.063   -10.204 8.765   1.00 61.04  ? 65  LEU A C   1 
ATOM   536 O  O   . LEU A 1 65 ? 2.617   -10.681 7.720   1.00 61.43  ? 65  LEU A O   1 
ATOM   537 C  CB  . LEU A 1 65 ? 2.688   -7.817  9.287   1.00 55.41  ? 65  LEU A CB  1 
ATOM   538 C  CG  . LEU A 1 65 ? 3.199   -6.382  9.413   1.00 54.02  ? 65  LEU A CG  1 
ATOM   539 C  CD1 . LEU A 1 65 ? 2.103   -5.511  9.921   1.00 40.41  ? 65  LEU A CD1 1 
ATOM   540 C  CD2 . LEU A 1 65 ? 4.367   -6.384  10.389  1.00 46.76  ? 65  LEU A CD2 1 
ATOM   541 N  N   . ARG A 1 66 ? 3.036   -10.834 9.937   1.00 65.04  ? 66  ARG A N   1 
ATOM   542 C  CA  . ARG A 1 66 ? 2.335   -12.089 10.136  1.00 72.19  ? 66  ARG A CA  1 
ATOM   543 C  C   . ARG A 1 66 ? 0.891   -11.941 9.645   1.00 65.11  ? 66  ARG A C   1 
ATOM   544 O  O   . ARG A 1 66 ? 0.394   -12.697 8.805   1.00 64.54  ? 66  ARG A O   1 
ATOM   545 C  CB  . ARG A 1 66 ? 2.374   -12.465 11.635  1.00 70.77  ? 66  ARG A CB  1 
ATOM   546 C  CG  . ARG A 1 66 ? 2.218   -13.935 11.940  1.00 80.76  ? 66  ARG A CG  1 
ATOM   547 C  CD  . ARG A 1 66 ? 2.287   -14.201 13.422  1.00 85.35  ? 66  ARG A CD  1 
ATOM   548 N  NE  . ARG A 1 66 ? 2.295   -15.620 13.776  1.00 97.26  ? 66  ARG A NE  1 
ATOM   549 C  CZ  . ARG A 1 66 ? 2.451   -16.070 15.024  1.00 96.09  ? 66  ARG A CZ  1 
ATOM   550 N  NH1 . ARG A 1 66 ? 2.600   -15.224 16.045  1.00 90.62  ? 66  ARG A NH1 1 
ATOM   551 N  NH2 . ARG A 1 66 ? 2.458   -17.371 15.264  1.00 96.87  ? 66  ARG A NH2 1 
ATOM   552 N  N   . SER A 1 67 ? 0.230   -10.934 10.198  1.00 61.23  ? 67  SER A N   1 
ATOM   553 C  CA  . SER A 1 67 ? -1.219  -10.787 10.113  1.00 57.62  ? 67  SER A CA  1 
ATOM   554 C  C   . SER A 1 67 ? -1.601  -9.322  10.297  1.00 60.63  ? 67  SER A C   1 
ATOM   555 O  O   . SER A 1 67 ? -0.719  -8.480  10.454  1.00 61.23  ? 67  SER A O   1 
ATOM   556 C  CB  . SER A 1 67 ? -1.896  -11.666 11.167  1.00 62.02  ? 67  SER A CB  1 
ATOM   557 O  OG  . SER A 1 67 ? -1.493  -11.253 12.459  1.00 61.96  ? 67  SER A OG  1 
ATOM   558 N  N   . MET A 1 68 ? -2.897  -9.008  10.258  1.00 60.45  ? 68  MET A N   1 
ATOM   559 C  CA  . MET A 1 68 ? -3.316  -7.627  10.414  1.00 58.68  ? 68  MET A CA  1 
ATOM   560 C  C   . MET A 1 68 ? -2.868  -7.169  11.785  1.00 57.03  ? 68  MET A C   1 
ATOM   561 O  O   . MET A 1 68 ? -3.135  -7.848  12.759  1.00 60.36  ? 68  MET A O   1 
ATOM   562 C  CB  . MET A 1 68 ? -4.831  -7.476  10.249  1.00 53.66  ? 68  MET A CB  1 
ATOM   563 C  CG  . MET A 1 68 ? -5.292  -6.031  10.200  1.00 49.56  ? 68  MET A CG  1 
ATOM   564 S  SD  . MET A 1 68 ? -7.054  -5.781  9.914   1.00 55.33  ? 68  MET A SD  1 
ATOM   565 C  CE  . MET A 1 68 ? -7.202  -4.003  9.998   1.00 56.88  ? 68  MET A CE  1 
ATOM   566 N  N   . PRO A 1 69 ? -2.152  -6.030  11.857  1.00 59.63  ? 69  PRO A N   1 
ATOM   567 C  CA  . PRO A 1 69 ? -1.697  -5.480  13.145  1.00 53.12  ? 69  PRO A CA  1 
ATOM   568 C  C   . PRO A 1 69 ? -2.714  -4.596  13.835  1.00 53.36  ? 69  PRO A C   1 
ATOM   569 O  O   . PRO A 1 69 ? -3.474  -3.901  13.174  1.00 57.52  ? 69  PRO A O   1 
ATOM   570 C  CB  . PRO A 1 69 ? -0.475  -4.656  12.756  1.00 52.02  ? 69  PRO A CB  1 
ATOM   571 C  CG  . PRO A 1 69 ? -0.754  -4.243  11.368  1.00 55.51  ? 69  PRO A CG  1 
ATOM   572 C  CD  . PRO A 1 69 ? -1.454  -5.400  10.725  1.00 51.60  ? 69  PRO A CD  1 
ATOM   573 N  N   . PRO A 1 70 ? -2.723  -4.607  15.172  1.00 52.72  ? 70  PRO A N   1 
ATOM   574 C  CA  . PRO A 1 70 ? -3.479  -3.574  15.874  1.00 52.01  ? 70  PRO A CA  1 
ATOM   575 C  C   . PRO A 1 70 ? -2.866  -2.212  15.583  1.00 50.91  ? 70  PRO A C   1 
ATOM   576 O  O   . PRO A 1 70 ? -1.724  -2.142  15.136  1.00 48.06  ? 70  PRO A O   1 
ATOM   577 C  CB  . PRO A 1 70 ? -3.311  -3.949  17.337  1.00 47.97  ? 70  PRO A CB  1 
ATOM   578 C  CG  . PRO A 1 70 ? -2.031  -4.635  17.373  1.00 45.40  ? 70  PRO A CG  1 
ATOM   579 C  CD  . PRO A 1 70 ? -1.915  -5.409  16.098  1.00 50.32  ? 70  PRO A CD  1 
ATOM   580 N  N   . ARG A 1 71 ? -3.602  -1.150  15.861  1.00 45.80  ? 71  ARG A N   1 
ATOM   581 C  CA  . ARG A 1 71 ? -3.211  0.176   15.423  1.00 53.36  ? 71  ARG A CA  1 
ATOM   582 C  C   . ARG A 1 71 ? -3.849  1.153   16.377  1.00 54.08  ? 71  ARG A C   1 
ATOM   583 O  O   . ARG A 1 71 ? -4.721  0.786   17.150  1.00 60.50  ? 71  ARG A O   1 
ATOM   584 C  CB  . ARG A 1 71 ? -3.733  0.435   14.018  1.00 46.65  ? 71  ARG A CB  1 
ATOM   585 C  CG  . ARG A 1 71 ? -5.232  0.211   14.062  1.00 59.80  ? 71  ARG A CG  1 
ATOM   586 C  CD  . ARG A 1 71 ? -5.773  -0.190  12.757  1.00 59.72  ? 71  ARG A CD  1 
ATOM   587 N  NE  . ARG A 1 71 ? -5.057  -1.347  12.236  1.00 51.96  ? 71  ARG A NE  1 
ATOM   588 C  CZ  . ARG A 1 71 ? -4.655  -1.410  10.975  1.00 49.71  ? 71  ARG A CZ  1 
ATOM   589 N  NH1 . ARG A 1 71 ? -4.900  -0.368  10.185  1.00 51.18  ? 71  ARG A NH1 1 
ATOM   590 N  NH2 . ARG A 1 71 ? -3.969  -2.461  10.509  1.00 49.46  ? 71  ARG A NH2 1 
ATOM   591 N  N   . GLU A 1 72 ? -3.464  2.413   16.304  1.00 60.36  ? 72  GLU A N   1 
ATOM   592 C  CA  . GLU A 1 72 ? -4.311  3.440   16.881  1.00 58.56  ? 72  GLU A CA  1 
ATOM   593 C  C   . GLU A 1 72 ? -4.286  4.645   15.948  1.00 59.60  ? 72  GLU A C   1 
ATOM   594 O  O   . GLU A 1 72 ? -3.326  4.838   15.205  1.00 57.63  ? 72  GLU A O   1 
ATOM   595 C  CB  . GLU A 1 72 ? -3.872  3.800   18.299  1.00 66.36  ? 72  GLU A CB  1 
ATOM   596 C  CG  . GLU A 1 72 ? -4.976  4.474   19.119  1.00 69.06  ? 72  GLU A CG  1 
ATOM   597 C  CD  . GLU A 1 72 ? -4.664  4.548   20.609  1.00 73.02  ? 72  GLU A CD  1 
ATOM   598 O  OE1 . GLU A 1 72 ? -3.770  3.813   21.091  1.00 70.08  ? 72  GLU A OE1 1 
ATOM   599 O  OE2 . GLU A 1 72 ? -5.322  5.352   21.296  1.00 70.43  ? 72  GLU A OE2 1 
ATOM   600 N  N   . THR A 1 73 ? -5.355  5.429   15.957  1.00 62.13  ? 73  THR A N   1 
ATOM   601 C  CA  . THR A 1 73 ? -5.547  6.447   14.937  1.00 63.97  ? 73  THR A CA  1 
ATOM   602 C  C   . THR A 1 73 ? -5.939  7.785   15.542  1.00 68.32  ? 73  THR A C   1 
ATOM   603 O  O   . THR A 1 73 ? -6.909  7.883   16.299  1.00 71.07  ? 73  THR A O   1 
ATOM   604 C  CB  . THR A 1 73 ? -6.633  6.032   13.923  1.00 64.08  ? 73  THR A CB  1 
ATOM   605 O  OG1 . THR A 1 73 ? -7.855  5.757   14.620  1.00 69.83  ? 73  THR A OG1 1 
ATOM   606 C  CG2 . THR A 1 73 ? -6.217  4.797   13.173  1.00 60.49  ? 73  THR A CG2 1 
ATOM   607 N  N   . LEU A 1 74 ? -5.170  8.814   15.202  1.00 64.96  ? 74  LEU A N   1 
ATOM   608 C  CA  . LEU A 1 74 ? -5.480  10.172  15.618  1.00 66.95  ? 74  LEU A CA  1 
ATOM   609 C  C   . LEU A 1 74 ? -6.089  10.923  14.457  1.00 69.97  ? 74  LEU A C   1 
ATOM   610 O  O   . LEU A 1 74 ? -5.671  10.740  13.306  1.00 66.54  ? 74  LEU A O   1 
ATOM   611 C  CB  . LEU A 1 74 ? -4.231  10.905  16.103  1.00 61.71  ? 74  LEU A CB  1 
ATOM   612 C  CG  . LEU A 1 74 ? -3.434  10.221  17.208  1.00 64.93  ? 74  LEU A CG  1 
ATOM   613 C  CD1 . LEU A 1 74 ? -2.236  11.078  17.583  1.00 67.54  ? 74  LEU A CD1 1 
ATOM   614 C  CD2 . LEU A 1 74 ? -4.322  9.963   18.417  1.00 70.69  ? 74  LEU A CD2 1 
ATOM   615 N  N   . GLY A 1 75 ? -7.078  11.757  14.766  1.00 70.21  ? 75  GLY A N   1 
ATOM   616 C  CA  . GLY A 1 75 ? -7.643  12.671  13.795  1.00 74.80  ? 75  GLY A CA  1 
ATOM   617 C  C   . GLY A 1 75 ? -8.602  12.037  12.812  1.00 79.46  ? 75  GLY A C   1 
ATOM   618 O  O   . GLY A 1 75 ? -9.149  10.950  13.053  1.00 75.24  ? 75  GLY A O   1 
ATOM   619 N  N   . ILE A 1 76 ? -8.796  12.735  11.695  1.00 80.63  ? 76  ILE A N   1 
ATOM   620 C  CA  . ILE A 1 76 ? -9.734  12.321  10.659  1.00 82.33  ? 76  ILE A CA  1 
ATOM   621 C  C   . ILE A 1 76 ? -9.398  10.923  10.141  1.00 83.93  ? 76  ILE A C   1 
ATOM   622 O  O   . ILE A 1 76 ? -8.466  10.749  9.344   1.00 82.94  ? 76  ILE A O   1 
ATOM   623 C  CB  . ILE A 1 76 ? -9.757  13.354  9.480   1.00 87.31  ? 76  ILE A CB  1 
ATOM   624 C  CG1 . ILE A 1 76 ? -10.361 12.755  8.208   1.00 87.34  ? 76  ILE A CG1 1 
ATOM   625 C  CG2 . ILE A 1 76 ? -8.371  13.884  9.166   1.00 81.09  ? 76  ILE A CG2 1 
ATOM   626 C  CD1 . ILE A 1 76 ? -10.466 13.751  7.075   1.00 89.15  ? 76  ILE A CD1 1 
ATOM   627 N  N   . GLU A 1 77 ? -10.132 9.924   10.636  1.00 84.86  ? 77  GLU A N   1 
ATOM   628 C  CA  . GLU A 1 77 ? -10.039 8.572   10.091  1.00 80.21  ? 77  GLU A CA  1 
ATOM   629 C  C   . GLU A 1 77 ? -10.710 8.559   8.736   1.00 80.49  ? 77  GLU A C   1 
ATOM   630 O  O   . GLU A 1 77 ? -11.732 9.206   8.537   1.00 83.88  ? 77  GLU A O   1 
ATOM   631 C  CB  . GLU A 1 77 ? -10.684 7.535   11.010  1.00 79.36  ? 77  GLU A CB  1 
ATOM   632 C  CG  . GLU A 1 77 ? -9.888  7.194   12.250  1.00 74.30  ? 77  GLU A CG  1 
ATOM   633 C  CD  . GLU A 1 77 ? -10.340 5.889   12.849  1.00 81.16  ? 77  GLU A CD  1 
ATOM   634 O  OE1 . GLU A 1 77 ? -10.609 4.951   12.068  1.00 83.74  ? 77  GLU A OE1 1 
ATOM   635 O  OE2 . GLU A 1 77 ? -10.455 5.802   14.093  1.00 85.91  ? 77  GLU A OE2 1 
ATOM   636 N  N   . LYS A 1 78 ? -10.132 7.817   7.805   1.00 79.75  ? 78  LYS A N   1 
ATOM   637 C  CA  . LYS A 1 78 ? -10.572 7.857   6.421   1.00 77.05  ? 78  LYS A CA  1 
ATOM   638 C  C   . LYS A 1 78 ? -11.197 6.533   6.001   1.00 79.19  ? 78  LYS A C   1 
ATOM   639 O  O   . LYS A 1 78 ? -11.868 6.427   4.966   1.00 78.55  ? 78  LYS A O   1 
ATOM   640 C  CB  . LYS A 1 78 ? -9.394  8.189   5.508   1.00 78.46  ? 78  LYS A CB  1 
ATOM   641 C  CG  . LYS A 1 78 ? -9.644  9.373   4.574   1.00 85.59  ? 78  LYS A CG  1 
ATOM   642 C  CD  . LYS A 1 78 ? -9.674  10.704  5.290   1.00 84.40  ? 78  LYS A CD  1 
ATOM   643 C  CE  . LYS A 1 78 ? -9.466  11.805  4.281   1.00 84.26  ? 78  LYS A CE  1 
ATOM   644 N  NZ  . LYS A 1 78 ? -8.081  11.730  3.724   1.00 85.34  ? 78  LYS A NZ  1 
ATOM   645 N  N   . ASN A 1 79 ? -10.953 5.515   6.810   1.00 77.00  ? 79  ASN A N   1 
ATOM   646 C  CA  . ASN A 1 79 ? -11.486 4.197   6.539   1.00 77.49  ? 79  ASN A CA  1 
ATOM   647 C  C   . ASN A 1 79 ? -11.642 3.408   7.836   1.00 79.84  ? 79  ASN A C   1 
ATOM   648 O  O   . ASN A 1 79 ? -10.715 2.705   8.251   1.00 77.18  ? 79  ASN A O   1 
ATOM   649 C  CB  . ASN A 1 79 ? -10.584 3.448   5.553   1.00 72.41  ? 79  ASN A CB  1 
ATOM   650 C  CG  . ASN A 1 79 ? -11.376 2.722   4.480   1.00 74.73  ? 79  ASN A CG  1 
ATOM   651 O  OD1 . ASN A 1 79 ? -12.558 3.002   4.264   1.00 75.26  ? 79  ASN A OD1 1 
ATOM   652 N  ND2 . ASN A 1 79 ? -10.726 1.784   3.803   1.00 67.46  ? 79  ASN A ND2 1 
ATOM   653 N  N   . PRO A 1 80 ? -12.807 3.554   8.491   1.00 76.31  ? 80  PRO A N   1 
ATOM   654 C  CA  . PRO A 1 80 ? -13.184 2.810   9.694   1.00 75.95  ? 80  PRO A CA  1 
ATOM   655 C  C   . PRO A 1 80 ? -12.687 1.378   9.649   1.00 76.72  ? 80  PRO A C   1 
ATOM   656 O  O   . PRO A 1 80 ? -12.787 0.717   8.619   1.00 75.41  ? 80  PRO A O   1 
ATOM   657 C  CB  . PRO A 1 80 ? -14.708 2.865   9.667   1.00 78.26  ? 80  PRO A CB  1 
ATOM   658 C  CG  . PRO A 1 80 ? -14.990 4.209   9.046   1.00 83.87  ? 80  PRO A CG  1 
ATOM   659 C  CD  . PRO A 1 80 ? -13.862 4.503   8.085   1.00 77.85  ? 80  PRO A CD  1 
ATOM   660 N  N   . ILE A 1 81 ? -12.134 0.920   10.763  1.00 77.16  ? 81  ILE A N   1 
ATOM   661 C  CA  . ILE A 1 81 ? -11.502 -0.389  10.841  1.00 71.99  ? 81  ILE A CA  1 
ATOM   662 C  C   . ILE A 1 81 ? -12.373 -1.503  10.279  1.00 72.11  ? 81  ILE A C   1 
ATOM   663 O  O   . ILE A 1 81 ? -11.873 -2.494  9.719   1.00 67.28  ? 81  ILE A O   1 
ATOM   664 C  CB  . ILE A 1 81 ? -11.161 -0.746  12.292  1.00 76.15  ? 81  ILE A CB  1 
ATOM   665 C  CG1 . ILE A 1 81 ? -10.785 0.515   13.095  1.00 82.73  ? 81  ILE A CG1 1 
ATOM   666 C  CG2 . ILE A 1 81 ? -10.093 -1.831  12.327  1.00 68.54  ? 81  ILE A CG2 1 
ATOM   667 C  CD1 . ILE A 1 81 ? -9.546  1.259   12.608  1.00 77.92  ? 81  ILE A CD1 1 
ATOM   668 N  N   . GLU A 1 82 ? -13.680 -1.339  10.446  1.00 69.15  ? 82  GLU A N   1 
ATOM   669 C  CA  . GLU A 1 82 ? -14.616 -2.378  10.053  1.00 77.73  ? 82  GLU A CA  1 
ATOM   670 C  C   . GLU A 1 82 ? -14.507 -2.632  8.556   1.00 79.18  ? 82  GLU A C   1 
ATOM   671 O  O   . GLU A 1 82 ? -14.454 -3.786  8.118   1.00 71.25  ? 82  GLU A O   1 
ATOM   672 C  CB  . GLU A 1 82 ? -16.054 -2.001  10.445  1.00 77.11  ? 82  GLU A CB  1 
ATOM   673 C  CG  . GLU A 1 82 ? -16.317 -2.039  11.951  1.00 76.60  ? 82  GLU A CG  1 
ATOM   674 C  CD  . GLU A 1 82 ? -16.108 -0.691  12.606  1.00 81.64  ? 82  GLU A CD  1 
ATOM   675 O  OE1 . GLU A 1 82 ? -15.894 0.293   11.861  1.00 84.25  ? 82  GLU A OE1 1 
ATOM   676 O  OE2 . GLU A 1 82 ? -16.146 -0.615  13.857  1.00 78.53  ? 82  GLU A OE2 1 
ATOM   677 N  N   . GLU A 1 83 ? -14.440 -1.540  7.794   1.00 78.14  ? 83  GLU A N   1 
ATOM   678 C  CA  . GLU A 1 83 ? -14.354 -1.584  6.342   1.00 72.74  ? 83  GLU A CA  1 
ATOM   679 C  C   . GLU A 1 83 ? -13.079 -2.304  5.873   1.00 71.72  ? 83  GLU A C   1 
ATOM   680 O  O   . GLU A 1 83 ? -13.108 -2.987  4.863   1.00 73.09  ? 83  GLU A O   1 
ATOM   681 C  CB  . GLU A 1 83 ? -14.427 -0.159  5.786   1.00 79.72  ? 83  GLU A CB  1 
ATOM   682 C  CG  . GLU A 1 83 ? -15.681 0.619   6.250   1.00 86.42  ? 83  GLU A CG  1 
ATOM   683 C  CD  . GLU A 1 83 ? -16.211 1.621   5.222   1.00 93.29  ? 83  GLU A CD  1 
ATOM   684 O  OE1 . GLU A 1 83 ? -15.509 1.923   4.232   1.00 90.89  ? 83  GLU A OE1 1 
ATOM   685 O  OE2 . GLU A 1 83 ? -17.328 2.137   5.431   1.00 97.09  ? 83  GLU A OE2 1 
ATOM   686 N  N   . ILE A 1 84 ? -11.959 -2.120  6.574   1.00 71.28  ? 84  ILE A N   1 
ATOM   687 C  CA  . ILE A 1 84 ? -10.795 -2.989  6.404   1.00 62.55  ? 84  ILE A CA  1 
ATOM   688 C  C   . ILE A 1 84 ? -10.864 -4.163  7.389   1.00 67.32  ? 84  ILE A C   1 
ATOM   689 O  O   . ILE A 1 84 ? -10.931 -5.324  6.966   1.00 64.66  ? 84  ILE A O   1 
ATOM   690 C  CB  . ILE A 1 84 ? -9.469  -2.211  6.580   1.00 63.96  ? 84  ILE A CB  1 
ATOM   691 C  CG1 . ILE A 1 84 ? -8.268  -3.171  6.685   1.00 64.74  ? 84  ILE A CG1 1 
ATOM   692 C  CG2 . ILE A 1 84 ? -9.536  -1.241  7.754   1.00 58.61  ? 84  ILE A CG2 1 
ATOM   693 C  CD1 . ILE A 1 84 ? -8.226  -4.346  5.663   1.00 56.84  ? 84  ILE A CD1 1 
HETATM 694 CL CL  . CL  B 2 .  ? -9.686  1.054   -1.009  1.00 62.99  ? 101 CL  A CL  1 
HETATM 695 CL CL  . CL  C 2 .  ? -4.834  -11.200 8.966   1.00 61.86  ? 102 CL  A CL  1 
HETATM 696 O  O   . HOH D 3 .  ? -0.087  9.338   5.674   1.00 53.78  ? 201 HOH A O   1 
HETATM 697 O  O   . HOH D 3 .  ? -11.833 -6.331  8.926   1.00 68.56  ? 202 HOH A O   1 
HETATM 698 O  O   . HOH D 3 .  ? -5.202  11.582  0.052   1.00 61.73  ? 203 HOH A O   1 
HETATM 699 O  O   . HOH D 3 .  ? -6.308  1.713   10.833  1.00 60.83  ? 204 HOH A O   1 
HETATM 700 O  O   . HOH D 3 .  ? 3.661   10.298  1.354   1.00 55.38  ? 205 HOH A O   1 
HETATM 701 O  O   . HOH D 3 .  ? -11.700 -7.638  6.284   1.00 49.51  ? 206 HOH A O   1 
HETATM 702 O  O   . HOH D 3 .  ? -9.743  -1.445  -2.811  1.00 55.77  ? 207 HOH A O   1 
HETATM 703 O  O   . HOH D 3 .  ? -11.757 1.981   -0.349  1.00 63.76  ? 208 HOH A O   1 
HETATM 704 O  O   . HOH D 3 .  ? 10.091  2.287   -13.902 1.00 72.28  ? 209 HOH A O   1 
# 
